data_1YKW
#
_entry.id   1YKW
#
_cell.length_a   67.348
_cell.length_b   78.451
_cell.length_c   90.369
_cell.angle_alpha   90.00
_cell.angle_beta   99.95
_cell.angle_gamma   90.00
#
_symmetry.space_group_name_H-M   'P 1 21 1'
#
loop_
_entity.id
_entity.type
_entity.pdbx_description
1 polymer 'RuBisCO-like protein'
2 water water
#
_entity_poly.entity_id   1
_entity_poly.type   'polypeptide(L)'
_entity_poly.pdbx_seq_one_letter_code
;MNAEDVKGFFASRESLDMEQYLVLDYYLESVGDIETALAHFCSEQSTAQWKRVGVDEDFRLVHAAKVIDYEVIEELEQLS
YPVKHSETGKIHACRVTIAHPHCNFGPKIPNLLTAVCGEGTYFTPGVPVVKLMDIHFPDTYLADFEGPKFGIEGLRDILN
AHGRPIFFGVVKPNIGLSPGEFAEIAYQSWLGGLDIAKDDEMLADVTWSSIEERAAHLGKARRKAEAETGEPKIYLANIT
DEVDSLMEKHDVAVRNGANALLINALPVGLSAVRMLSNYTQVPLIGHFPFIASFSRMEKYGIHSKVMTKLQRLAGLDAVI
MPGFGDRVMTPEEEVLENVIECTKPMGRIKPCLPVPGGSDSALTLQTVYEKVGNVDFGFVPGRGVFGHPMGPKAGAKSIR
QAWEAIEQGISIETWAETHPELQAMVDQSLLKKQD
;
_entity_poly.pdbx_strand_id   A,B
#
# COMPACT_ATOMS: atom_id res chain seq x y z
N GLU A 4 -31.90 -19.76 -5.49
CA GLU A 4 -31.04 -18.63 -5.06
C GLU A 4 -30.89 -18.60 -3.55
N ASP A 5 -29.65 -18.65 -3.08
CA ASP A 5 -29.38 -18.44 -1.66
C ASP A 5 -28.46 -17.26 -1.31
N VAL A 6 -28.84 -16.14 -1.90
CA VAL A 6 -28.64 -14.81 -1.38
C VAL A 6 -28.80 -14.80 0.15
N LYS A 7 -29.83 -15.45 0.67
CA LYS A 7 -30.13 -15.37 2.11
C LYS A 7 -29.18 -16.16 3.01
N GLY A 8 -28.39 -17.06 2.43
CA GLY A 8 -27.31 -17.72 3.17
C GLY A 8 -26.17 -16.81 3.57
N PHE A 9 -26.17 -15.58 3.05
CA PHE A 9 -25.09 -14.62 3.34
C PHE A 9 -25.57 -13.48 4.24
N PHE A 10 -26.71 -13.73 4.89
CA PHE A 10 -27.34 -12.81 5.82
C PHE A 10 -27.53 -13.49 7.15
N ALA A 11 -27.06 -12.83 8.21
CA ALA A 11 -27.23 -13.33 9.57
C ALA A 11 -27.49 -12.20 10.57
N SER A 12 -28.31 -12.52 11.57
CA SER A 12 -28.41 -11.73 12.78
C SER A 12 -27.10 -11.80 13.57
N ARG A 13 -26.62 -10.66 14.06
CA ARG A 13 -25.46 -10.59 14.96
C ARG A 13 -25.63 -11.56 16.17
N GLU A 14 -26.85 -11.67 16.67
CA GLU A 14 -27.15 -12.51 17.84
C GLU A 14 -27.13 -14.02 17.57
N SER A 15 -27.18 -14.41 16.29
CA SER A 15 -27.12 -15.83 15.91
C SER A 15 -25.66 -16.30 15.80
N LEU A 16 -24.74 -15.36 15.74
CA LEU A 16 -23.32 -15.68 15.60
C LEU A 16 -22.55 -15.60 16.90
N ASP A 17 -21.49 -16.40 16.98
CA ASP A 17 -20.46 -16.23 18.00
C ASP A 17 -19.49 -15.13 17.55
N MET A 18 -19.76 -13.91 17.99
CA MET A 18 -19.09 -12.73 17.46
C MET A 18 -17.59 -12.67 17.84
N GLU A 19 -17.19 -13.50 18.80
CA GLU A 19 -15.75 -13.65 19.08
C GLU A 19 -14.94 -14.21 17.89
N GLN A 20 -15.64 -14.81 16.92
CA GLN A 20 -15.02 -15.51 15.79
C GLN A 20 -15.02 -14.66 14.51
N TYR A 21 -15.58 -13.46 14.60
CA TYR A 21 -15.76 -12.58 13.45
C TYR A 21 -15.07 -11.24 13.67
N LEU A 22 -14.45 -10.69 12.63
CA LEU A 22 -14.22 -9.22 12.58
C LEU A 22 -15.51 -8.54 12.10
N VAL A 23 -15.73 -7.29 12.51
CA VAL A 23 -16.89 -6.53 12.05
C VAL A 23 -16.39 -5.39 11.18
N LEU A 24 -16.80 -5.42 9.93
CA LEU A 24 -16.30 -4.48 8.94
C LEU A 24 -17.45 -3.57 8.53
N ASP A 25 -17.16 -2.28 8.36
CA ASP A 25 -18.15 -1.30 7.90
C ASP A 25 -17.67 -0.84 6.52
N TYR A 26 -18.56 -0.96 5.51
CA TYR A 26 -18.26 -0.50 4.14
C TYR A 26 -19.30 0.49 3.69
N TYR A 27 -18.87 1.49 2.91
CA TYR A 27 -19.78 2.22 2.02
C TYR A 27 -19.60 1.59 0.65
N LEU A 28 -20.69 1.45 -0.10
CA LEU A 28 -20.64 0.85 -1.43
C LEU A 28 -21.78 1.33 -2.33
N GLU A 29 -21.58 1.18 -3.64
CA GLU A 29 -22.64 1.54 -4.60
C GLU A 29 -22.91 0.28 -5.38
N SER A 30 -24.14 -0.20 -5.25
CA SER A 30 -24.56 -1.47 -5.84
C SER A 30 -25.32 -1.21 -7.14
N VAL A 31 -25.28 -2.16 -8.07
CA VAL A 31 -26.03 -2.09 -9.31
C VAL A 31 -26.94 -3.32 -9.42
N GLY A 32 -28.23 -3.10 -9.62
CA GLY A 32 -29.19 -4.19 -9.65
C GLY A 32 -29.74 -4.45 -8.28
N ASP A 33 -30.31 -5.64 -8.08
CA ASP A 33 -30.93 -6.03 -6.82
C ASP A 33 -29.91 -5.93 -5.67
N ILE A 34 -30.28 -5.15 -4.64
CA ILE A 34 -29.40 -4.85 -3.51
C ILE A 34 -28.88 -6.07 -2.76
N GLU A 35 -29.78 -6.91 -2.26
CA GLU A 35 -29.38 -8.08 -1.46
C GLU A 35 -28.57 -9.10 -2.25
N THR A 36 -28.80 -9.17 -3.56
CA THR A 36 -28.03 -10.02 -4.45
C THR A 36 -26.60 -9.51 -4.54
N ALA A 37 -26.44 -8.20 -4.74
CA ALA A 37 -25.12 -7.57 -4.81
C ALA A 37 -24.35 -7.79 -3.51
N LEU A 38 -25.04 -7.67 -2.38
CA LEU A 38 -24.45 -7.87 -1.06
C LEU A 38 -23.97 -9.29 -0.81
N ALA A 39 -24.76 -10.29 -1.20
CA ALA A 39 -24.35 -11.68 -1.08
C ALA A 39 -23.13 -12.01 -1.96
N HIS A 40 -23.16 -11.53 -3.21
CA HIS A 40 -22.00 -11.63 -4.10
C HIS A 40 -20.76 -11.00 -3.47
N PHE A 41 -20.91 -9.81 -2.89
CA PHE A 41 -19.81 -9.10 -2.23
C PHE A 41 -19.24 -9.97 -1.12
N CYS A 42 -20.11 -10.49 -0.25
CA CYS A 42 -19.72 -11.44 0.79
C CYS A 42 -18.99 -12.68 0.28
N SER A 43 -19.50 -13.25 -0.80
CA SER A 43 -18.98 -14.48 -1.36
C SER A 43 -17.61 -14.25 -1.99
N GLU A 44 -17.45 -13.15 -2.71
CA GLU A 44 -16.16 -12.87 -3.35
C GLU A 44 -15.02 -12.64 -2.35
N GLN A 45 -15.36 -12.14 -1.16
CA GLN A 45 -14.40 -11.93 -0.09
C GLN A 45 -14.10 -13.14 0.80
N SER A 46 -14.78 -14.26 0.54
CA SER A 46 -14.71 -15.45 1.39
C SER A 46 -14.97 -16.68 0.50
N THR A 47 -16.16 -17.26 0.58
CA THR A 47 -16.55 -18.42 -0.23
C THR A 47 -17.20 -18.00 -1.56
N PHE A 59 -21.65 -21.07 0.24
CA PHE A 59 -21.53 -20.63 1.64
C PHE A 59 -21.32 -21.78 2.61
N ARG A 60 -20.21 -21.69 3.32
CA ARG A 60 -19.91 -22.58 4.43
C ARG A 60 -20.19 -21.81 5.72
N LEU A 61 -20.88 -22.48 6.65
CA LEU A 61 -21.23 -21.91 7.96
C LEU A 61 -20.00 -21.36 8.70
N VAL A 62 -18.83 -21.93 8.42
CA VAL A 62 -17.55 -21.56 9.07
C VAL A 62 -16.78 -20.47 8.34
N HIS A 63 -16.90 -20.41 7.02
CA HIS A 63 -15.96 -19.62 6.22
C HIS A 63 -16.62 -18.49 5.43
N ALA A 64 -17.95 -18.40 5.42
CA ALA A 64 -18.58 -17.27 4.74
C ALA A 64 -18.63 -15.99 5.58
N ALA A 65 -18.23 -14.86 4.99
CA ALA A 65 -18.61 -13.54 5.47
C ALA A 65 -20.11 -13.32 5.24
N LYS A 66 -20.74 -12.60 6.17
CA LYS A 66 -22.19 -12.46 6.23
C LYS A 66 -22.62 -11.04 6.57
N VAL A 67 -23.71 -10.60 5.96
CA VAL A 67 -24.27 -9.28 6.23
C VAL A 67 -25.05 -9.28 7.54
N ILE A 68 -24.60 -8.49 8.51
CA ILE A 68 -25.32 -8.38 9.77
C ILE A 68 -26.23 -7.15 9.87
N ASP A 69 -25.99 -6.15 9.03
CA ASP A 69 -26.86 -4.98 8.90
C ASP A 69 -26.55 -4.26 7.60
N TYR A 70 -27.52 -3.53 7.07
CA TYR A 70 -27.28 -2.62 5.95
C TYR A 70 -28.35 -1.55 5.93
N GLU A 71 -27.96 -0.37 5.46
CA GLU A 71 -28.85 0.77 5.35
C GLU A 71 -28.77 1.27 3.93
N VAL A 72 -29.89 1.31 3.22
CA VAL A 72 -29.92 1.89 1.88
C VAL A 72 -29.97 3.40 2.07
N ILE A 73 -28.94 4.11 1.63
CA ILE A 73 -28.89 5.57 1.84
C ILE A 73 -29.75 6.33 0.84
N GLU A 74 -29.61 5.98 -0.43
CA GLU A 74 -30.37 6.62 -1.49
C GLU A 74 -30.20 5.87 -2.81
N GLU A 75 -31.12 6.16 -3.72
CA GLU A 75 -30.95 5.83 -5.11
C GLU A 75 -30.12 6.93 -5.77
N LEU A 76 -29.16 6.50 -6.59
CA LEU A 76 -28.33 7.40 -7.37
C LEU A 76 -28.66 7.28 -8.86
N GLU A 77 -28.50 8.38 -9.60
CA GLU A 77 -28.69 8.37 -11.05
C GLU A 77 -27.44 7.85 -11.76
N GLN A 78 -26.33 7.80 -11.01
CA GLN A 78 -25.02 7.64 -11.59
C GLN A 78 -24.09 7.34 -10.43
N LEU A 79 -23.12 6.45 -10.67
CA LEU A 79 -22.07 6.17 -9.70
C LEU A 79 -21.34 7.46 -9.32
N SER A 80 -20.74 7.50 -8.13
CA SER A 80 -20.02 8.68 -7.68
C SER A 80 -18.78 8.99 -8.52
N TYR A 81 -18.12 7.94 -9.02
CA TYR A 81 -16.97 8.00 -9.93
C TYR A 81 -17.31 7.10 -11.11
N PRO A 82 -16.89 7.47 -12.33
CA PRO A 82 -17.23 6.70 -13.55
C PRO A 82 -16.39 5.43 -13.80
N VAL A 83 -16.60 4.37 -13.02
CA VAL A 83 -15.86 3.11 -13.18
C VAL A 83 -16.35 2.31 -14.38
N LYS A 84 -15.40 1.71 -15.12
CA LYS A 84 -15.73 0.79 -16.20
C LYS A 84 -16.50 -0.42 -15.66
N HIS A 85 -17.75 -0.59 -16.10
CA HIS A 85 -18.57 -1.74 -15.67
C HIS A 85 -19.66 -2.09 -16.67
N SER A 86 -19.95 -3.38 -16.77
CA SER A 86 -20.93 -3.91 -17.73
C SER A 86 -22.33 -3.97 -17.13
N GLU A 87 -22.40 -4.11 -15.80
CA GLU A 87 -23.68 -4.31 -15.11
C GLU A 87 -24.66 -3.17 -15.38
N THR A 88 -25.93 -3.54 -15.51
CA THR A 88 -26.99 -2.56 -15.68
C THR A 88 -28.00 -2.71 -14.55
N GLY A 89 -28.74 -1.64 -14.28
CA GLY A 89 -29.74 -1.67 -13.23
C GLY A 89 -29.70 -0.45 -12.34
N LYS A 90 -30.67 -0.38 -11.43
CA LYS A 90 -30.76 0.65 -10.39
C LYS A 90 -29.46 0.74 -9.59
N ILE A 91 -29.01 1.98 -9.36
CA ILE A 91 -27.83 2.28 -8.57
C ILE A 91 -28.27 2.77 -7.19
N HIS A 92 -27.75 2.15 -6.14
CA HIS A 92 -28.01 2.55 -4.75
C HIS A 92 -26.74 2.75 -3.91
N ALA A 93 -26.71 3.83 -3.13
CA ALA A 93 -25.66 3.97 -2.11
C ALA A 93 -26.10 3.18 -0.88
N CYS A 94 -25.17 2.43 -0.27
CA CYS A 94 -25.46 1.67 0.94
C CYS A 94 -24.32 1.71 1.96
N ARG A 95 -24.68 1.71 3.24
CA ARG A 95 -23.76 1.40 4.32
C ARG A 95 -24.05 -0.03 4.72
N VAL A 96 -23.01 -0.84 4.84
CA VAL A 96 -23.15 -2.27 5.10
C VAL A 96 -22.19 -2.72 6.18
N THR A 97 -22.67 -3.63 7.01
CA THR A 97 -21.93 -4.13 8.15
C THR A 97 -21.78 -5.62 7.92
N ILE A 98 -20.53 -6.06 7.88
CA ILE A 98 -20.24 -7.44 7.54
C ILE A 98 -19.46 -8.10 8.67
N ALA A 99 -19.91 -9.29 9.05
CA ALA A 99 -19.18 -10.15 10.00
C ALA A 99 -18.29 -11.09 9.20
N HIS A 100 -16.97 -10.98 9.37
CA HIS A 100 -16.04 -11.75 8.55
C HIS A 100 -15.25 -12.70 9.47
N PRO A 101 -15.40 -14.02 9.26
CA PRO A 101 -14.79 -14.96 10.19
C PRO A 101 -13.28 -14.91 10.09
N HIS A 102 -12.61 -14.66 11.21
CA HIS A 102 -11.16 -14.44 11.15
C HIS A 102 -10.30 -15.72 11.05
N CYS A 103 -10.92 -16.88 11.19
CA CYS A 103 -10.28 -18.17 10.88
C CYS A 103 -9.81 -18.30 9.42
N ASN A 104 -10.41 -17.52 8.53
CA ASN A 104 -9.99 -17.48 7.13
C ASN A 104 -8.58 -16.92 6.89
N PHE A 105 -8.10 -16.05 7.79
CA PHE A 105 -6.83 -15.39 7.59
C PHE A 105 -5.88 -15.41 8.80
N GLY A 106 -6.42 -15.43 10.02
CA GLY A 106 -5.58 -15.56 11.22
C GLY A 106 -4.99 -14.18 11.60
N PRO A 107 -4.17 -14.14 12.66
CA PRO A 107 -3.58 -12.91 13.19
C PRO A 107 -2.34 -12.51 12.37
N LYS A 108 -2.58 -12.26 11.09
CA LYS A 108 -1.50 -12.05 10.11
C LYS A 108 -1.97 -10.86 9.33
N ILE A 109 -1.21 -9.76 9.42
CA ILE A 109 -1.60 -8.52 8.75
C ILE A 109 -1.77 -8.61 7.20
N PRO A 110 -0.82 -9.25 6.49
CA PRO A 110 -1.05 -9.37 5.02
C PRO A 110 -2.28 -10.20 4.60
N ASN A 111 -2.52 -11.29 5.30
CA ASN A 111 -3.73 -12.10 5.13
C ASN A 111 -5.01 -11.34 5.49
N LEU A 112 -4.98 -10.53 6.56
CA LEU A 112 -6.10 -9.63 6.85
C LEU A 112 -6.43 -8.66 5.70
N LEU A 113 -5.42 -7.95 5.23
CA LEU A 113 -5.57 -7.01 4.14
C LEU A 113 -6.09 -7.67 2.86
N THR A 114 -5.55 -8.86 2.56
CA THR A 114 -5.99 -9.62 1.38
C THR A 114 -7.50 -9.90 1.42
N ALA A 115 -8.04 -10.14 2.63
CA ALA A 115 -9.44 -10.57 2.79
C ALA A 115 -10.44 -9.41 2.78
N VAL A 116 -10.08 -8.31 3.44
CA VAL A 116 -11.01 -7.18 3.64
C VAL A 116 -10.83 -5.96 2.72
N CYS A 117 -9.71 -5.91 2.01
CA CYS A 117 -9.54 -4.90 0.98
C CYS A 117 -8.73 -5.47 -0.18
N GLY A 118 -9.09 -6.66 -0.63
CA GLY A 118 -8.38 -7.36 -1.68
C GLY A 118 -9.20 -7.55 -2.95
N GLU A 119 -9.04 -8.68 -3.62
CA GLU A 119 -9.61 -8.86 -4.96
C GLU A 119 -11.14 -8.81 -4.92
N GLY A 120 -11.75 -9.54 -3.98
CA GLY A 120 -13.19 -9.59 -3.80
C GLY A 120 -13.79 -8.25 -3.43
N THR A 121 -13.04 -7.49 -2.63
CA THR A 121 -13.53 -6.22 -2.11
C THR A 121 -13.80 -5.23 -3.25
N TYR A 122 -12.90 -5.19 -4.25
CA TYR A 122 -12.94 -4.17 -5.29
C TYR A 122 -13.40 -4.66 -6.68
N PHE A 123 -13.51 -5.98 -6.84
CA PHE A 123 -13.86 -6.55 -8.13
C PHE A 123 -15.11 -7.44 -8.09
N THR A 124 -16.04 -7.23 -7.15
CA THR A 124 -17.35 -7.92 -7.22
C THR A 124 -18.20 -7.30 -8.33
N PRO A 125 -18.74 -8.12 -9.24
CA PRO A 125 -19.60 -7.59 -10.29
C PRO A 125 -20.87 -6.99 -9.67
N GLY A 126 -21.18 -5.75 -10.06
CA GLY A 126 -22.36 -5.07 -9.54
C GLY A 126 -22.06 -4.19 -8.34
N VAL A 127 -20.80 -4.16 -7.93
CA VAL A 127 -20.39 -3.28 -6.82
C VAL A 127 -19.10 -2.57 -7.22
N PRO A 128 -19.22 -1.55 -8.09
CA PRO A 128 -18.01 -0.90 -8.64
C PRO A 128 -17.32 0.13 -7.73
N VAL A 129 -18.03 0.65 -6.74
CA VAL A 129 -17.50 1.71 -5.87
C VAL A 129 -17.59 1.20 -4.43
N VAL A 130 -16.44 1.07 -3.75
CA VAL A 130 -16.42 0.57 -2.36
C VAL A 130 -15.45 1.42 -1.52
N LYS A 131 -15.83 1.75 -0.30
CA LYS A 131 -14.88 2.26 0.68
C LYS A 131 -14.98 1.49 2.00
N LEU A 132 -13.85 0.91 2.43
CA LEU A 132 -13.80 0.29 3.76
C LEU A 132 -13.73 1.37 4.86
N MET A 133 -14.76 1.45 5.71
CA MET A 133 -14.89 2.56 6.64
C MET A 133 -14.38 2.31 8.05
N ASP A 134 -14.54 1.10 8.56
CA ASP A 134 -14.04 0.74 9.89
C ASP A 134 -13.80 -0.74 10.03
N ILE A 135 -12.84 -1.10 10.89
CA ILE A 135 -12.68 -2.49 11.34
C ILE A 135 -12.86 -2.56 12.89
N HIS A 136 -13.65 -3.52 13.39
CA HIS A 136 -13.73 -3.80 14.82
C HIS A 136 -13.21 -5.19 15.05
N PHE A 137 -12.23 -5.34 15.95
CA PHE A 137 -11.64 -6.62 16.27
C PHE A 137 -12.14 -7.14 17.62
N PRO A 138 -12.57 -8.42 17.70
CA PRO A 138 -12.91 -8.93 19.03
C PRO A 138 -11.64 -9.20 19.86
N ASP A 139 -11.78 -9.21 21.19
CA ASP A 139 -10.66 -9.52 22.08
C ASP A 139 -9.97 -10.83 21.75
N THR A 140 -10.74 -11.85 21.35
CA THR A 140 -10.15 -13.12 20.92
C THR A 140 -9.08 -12.93 19.83
N TYR A 141 -9.42 -12.17 18.78
CA TYR A 141 -8.50 -11.86 17.70
C TYR A 141 -7.33 -10.98 18.18
N LEU A 142 -7.63 -9.91 18.93
CA LEU A 142 -6.54 -9.06 19.48
C LEU A 142 -5.50 -9.80 20.34
N ALA A 143 -5.89 -10.93 20.93
CA ALA A 143 -5.07 -11.67 21.90
C ALA A 143 -3.82 -12.27 21.25
N ASP A 144 -3.82 -12.35 19.92
CA ASP A 144 -2.64 -12.85 19.20
C ASP A 144 -1.73 -11.76 18.66
N PHE A 145 -2.01 -10.52 19.03
CA PHE A 145 -1.16 -9.37 18.64
C PHE A 145 -0.47 -8.76 19.85
N GLU A 146 0.70 -8.16 19.65
CA GLU A 146 1.43 -7.53 20.75
C GLU A 146 0.96 -6.08 20.97
N GLY A 147 0.86 -5.35 19.87
CA GLY A 147 0.66 -3.93 19.92
C GLY A 147 1.93 -3.18 20.32
N PRO A 148 1.83 -1.86 20.52
CA PRO A 148 2.98 -1.01 20.89
C PRO A 148 3.63 -1.52 22.16
N LYS A 149 4.95 -1.54 22.17
CA LYS A 149 5.65 -1.94 23.37
C LYS A 149 5.64 -0.83 24.43
N PHE A 150 5.63 0.42 23.99
CA PHE A 150 5.80 1.55 24.88
C PHE A 150 4.46 2.32 24.95
N GLY A 151 3.88 2.66 23.79
CA GLY A 151 2.65 3.48 23.77
C GLY A 151 2.81 4.88 24.36
N ILE A 152 1.70 5.58 24.58
CA ILE A 152 1.74 6.94 25.16
C ILE A 152 2.50 6.97 26.50
N GLU A 153 2.21 6.04 27.39
CA GLU A 153 2.80 6.17 28.73
C GLU A 153 4.28 5.81 28.79
N GLY A 154 4.71 4.93 27.90
CA GLY A 154 6.14 4.63 27.75
C GLY A 154 6.91 5.82 27.22
N LEU A 155 6.29 6.63 26.33
CA LEU A 155 6.93 7.79 25.76
C LEU A 155 6.99 8.90 26.81
N ARG A 156 5.93 9.05 27.59
CA ARG A 156 5.89 10.06 28.64
C ARG A 156 6.92 9.73 29.72
N ASP A 157 7.05 8.45 30.04
CA ASP A 157 8.06 7.97 30.99
C ASP A 157 9.49 8.26 30.54
N ILE A 158 9.84 7.98 29.29
CA ILE A 158 11.13 8.42 28.74
C ILE A 158 11.38 9.95 28.84
N LEU A 159 10.39 10.75 28.48
CA LEU A 159 10.55 12.19 28.48
C LEU A 159 10.26 12.86 29.82
N ASN A 160 9.81 12.09 30.80
CA ASN A 160 9.18 12.64 32.01
C ASN A 160 8.29 13.83 31.68
N ALA A 161 7.41 13.63 30.72
CA ALA A 161 6.48 14.67 30.29
C ALA A 161 5.10 14.20 30.73
N HIS A 162 4.51 14.88 31.71
CA HIS A 162 3.17 14.57 32.20
C HIS A 162 2.31 15.82 32.22
N GLY A 163 1.03 15.66 31.87
CA GLY A 163 0.10 16.76 31.94
C GLY A 163 0.23 17.82 30.88
N ARG A 164 0.92 17.51 29.78
CA ARG A 164 1.15 18.45 28.70
C ARG A 164 1.27 17.64 27.39
N PRO A 165 1.04 18.24 26.22
CA PRO A 165 1.39 17.55 24.94
C PRO A 165 2.88 17.31 24.81
N ILE A 166 3.28 16.51 23.84
CA ILE A 166 4.68 16.19 23.54
C ILE A 166 5.08 17.08 22.34
N PHE A 167 6.15 17.83 22.48
CA PHE A 167 6.51 18.80 21.47
C PHE A 167 7.56 18.28 20.51
N PHE A 168 7.16 18.16 19.23
CA PHE A 168 8.03 17.68 18.16
C PHE A 168 8.60 18.86 17.37
N GLY A 169 9.79 18.67 16.81
CA GLY A 169 10.32 19.63 15.84
C GLY A 169 11.05 18.95 14.70
N VAL A 170 10.62 19.22 13.47
CA VAL A 170 11.25 18.63 12.31
C VAL A 170 12.39 19.56 11.92
N VAL A 171 13.61 19.08 12.17
CA VAL A 171 14.83 19.85 11.98
C VAL A 171 14.90 20.27 10.52
N LYS A 172 15.06 21.57 10.27
CA LYS A 172 14.99 22.07 8.90
C LYS A 172 15.93 23.27 8.71
N PRO A 173 16.59 23.39 7.53
CA PRO A 173 16.50 22.68 6.23
C PRO A 173 16.58 21.15 6.17
N ASN A 174 15.51 20.56 5.66
CA ASN A 174 15.21 19.12 5.69
C ASN A 174 16.30 18.16 5.19
N ILE A 175 16.70 18.35 3.91
CA ILE A 175 17.63 17.47 3.19
C ILE A 175 18.86 18.24 2.70
N GLY A 176 20.00 17.57 2.61
CA GLY A 176 21.21 18.11 2.00
C GLY A 176 22.16 18.82 2.93
N LEU A 177 21.95 18.62 4.23
CA LEU A 177 22.80 19.22 5.26
C LEU A 177 23.87 18.24 5.74
N SER A 178 24.92 18.77 6.38
CA SER A 178 25.87 17.96 7.15
C SER A 178 25.19 17.46 8.41
N PRO A 179 25.50 16.20 8.82
CA PRO A 179 25.18 15.71 10.16
C PRO A 179 25.64 16.61 11.32
N GLY A 180 26.72 17.38 11.13
CA GLY A 180 27.19 18.34 12.13
C GLY A 180 26.43 19.65 12.11
N GLU A 181 25.98 20.04 10.91
CA GLU A 181 25.09 21.19 10.73
C GLU A 181 23.71 20.92 11.34
N PHE A 182 23.15 19.76 11.00
CA PHE A 182 21.92 19.24 11.55
C PHE A 182 21.96 19.32 13.07
N ALA A 183 23.02 18.76 13.65
CA ALA A 183 23.19 18.66 15.09
C ALA A 183 23.08 19.97 15.88
N GLU A 184 23.66 21.06 15.38
CA GLU A 184 23.60 22.36 16.09
C GLU A 184 22.18 22.93 16.20
N ILE A 185 21.42 22.81 15.11
CA ILE A 185 20.03 23.28 15.07
C ILE A 185 19.15 22.46 16.02
N ALA A 186 19.32 21.14 16.02
CA ALA A 186 18.53 20.26 16.88
C ALA A 186 18.84 20.58 18.34
N TYR A 187 20.12 20.78 18.61
CA TYR A 187 20.61 21.08 19.97
C TYR A 187 20.03 22.37 20.58
N GLN A 188 19.95 23.44 19.79
CA GLN A 188 19.33 24.69 20.21
C GLN A 188 17.86 24.46 20.54
N SER A 189 17.19 23.70 19.66
CA SER A 189 15.75 23.43 19.79
C SER A 189 15.41 22.63 21.06
N TRP A 190 16.23 21.64 21.42
CA TRP A 190 16.09 20.95 22.69
C TRP A 190 16.34 21.83 23.91
N LEU A 191 17.41 22.64 23.88
CA LEU A 191 17.65 23.69 24.88
C LEU A 191 16.46 24.61 25.04
N GLY A 192 15.75 24.89 23.94
CA GLY A 192 14.57 25.75 23.97
C GLY A 192 13.31 25.14 24.59
N GLY A 193 13.32 23.82 24.79
CA GLY A 193 12.17 23.16 25.42
C GLY A 193 11.48 22.12 24.57
N LEU A 194 12.00 21.84 23.37
CA LEU A 194 11.44 20.75 22.57
C LEU A 194 11.82 19.40 23.17
N ASP A 195 10.90 18.45 23.03
CA ASP A 195 11.10 17.07 23.51
C ASP A 195 11.84 16.22 22.45
N ILE A 196 11.36 16.30 21.22
CA ILE A 196 11.73 15.35 20.17
C ILE A 196 12.19 16.08 18.91
N ALA A 197 13.42 15.82 18.53
CA ALA A 197 13.98 16.38 17.28
C ALA A 197 14.04 15.22 16.31
N LYS A 198 13.36 15.36 15.18
CA LYS A 198 13.17 14.30 14.20
C LYS A 198 13.84 14.55 12.85
N ASP A 199 14.40 13.48 12.32
CA ASP A 199 14.71 13.35 10.88
C ASP A 199 13.48 13.65 10.01
N ASP A 200 13.73 14.23 8.83
CA ASP A 200 12.74 14.28 7.76
C ASP A 200 12.38 12.87 7.26
N GLU A 201 11.10 12.64 6.97
CA GLU A 201 10.64 11.32 6.47
C GLU A 201 11.23 10.91 5.12
N MET A 202 11.85 11.87 4.43
CA MET A 202 12.56 11.65 3.18
C MET A 202 14.10 11.62 3.33
N LEU A 203 14.59 11.68 4.56
CA LEU A 203 16.03 11.58 4.79
C LEU A 203 16.35 10.38 5.68
N ALA A 204 16.62 9.22 5.07
CA ALA A 204 17.06 8.04 5.81
C ALA A 204 18.57 7.79 5.66
N ASP A 205 18.93 6.58 5.26
CA ASP A 205 20.33 6.24 5.08
C ASP A 205 20.79 6.46 3.64
N VAL A 206 21.52 7.56 3.43
CA VAL A 206 22.00 7.94 2.11
C VAL A 206 23.48 8.35 2.18
N THR A 207 24.11 8.49 1.03
CA THR A 207 25.57 8.60 0.92
C THR A 207 26.26 9.84 1.52
N TRP A 208 25.65 11.03 1.39
CA TRP A 208 26.21 12.26 1.99
C TRP A 208 25.76 12.44 3.46
N SER A 209 24.86 11.57 3.91
CA SER A 209 24.31 11.61 5.27
C SER A 209 23.91 10.19 5.71
N SER A 210 24.90 9.40 6.10
CA SER A 210 24.68 8.01 6.51
C SER A 210 24.02 7.93 7.89
N ILE A 211 23.36 6.81 8.16
CA ILE A 211 22.72 6.64 9.47
C ILE A 211 23.76 6.68 10.61
N GLU A 212 24.94 6.13 10.36
CA GLU A 212 26.01 6.05 11.37
C GLU A 212 26.65 7.41 11.71
N GLU A 213 26.76 8.31 10.73
CA GLU A 213 27.31 9.66 10.99
C GLU A 213 26.26 10.62 11.60
N ARG A 214 25.04 10.63 11.07
CA ARG A 214 23.98 11.41 11.70
C ARG A 214 23.82 11.01 13.16
N ALA A 215 23.60 9.72 13.40
CA ALA A 215 23.26 9.25 14.75
C ALA A 215 24.36 9.60 15.76
N ALA A 216 25.61 9.46 15.37
CA ALA A 216 26.72 9.78 16.29
C ALA A 216 26.70 11.25 16.71
N HIS A 217 26.50 12.15 15.75
CA HIS A 217 26.47 13.59 16.02
C HIS A 217 25.21 14.01 16.79
N LEU A 218 24.06 13.54 16.31
CA LEU A 218 22.82 13.85 16.99
C LEU A 218 22.74 13.28 18.41
N GLY A 219 23.29 12.08 18.57
CA GLY A 219 23.30 11.43 19.88
C GLY A 219 24.10 12.22 20.90
N LYS A 220 25.27 12.71 20.50
CA LYS A 220 26.10 13.53 21.36
C LYS A 220 25.46 14.86 21.75
N ALA A 221 24.75 15.47 20.81
CA ALA A 221 24.02 16.71 21.08
C ALA A 221 22.81 16.48 22.01
N ARG A 222 22.14 15.35 21.85
CA ARG A 222 21.00 15.04 22.69
C ARG A 222 21.45 14.86 24.14
N ARG A 223 22.57 14.14 24.32
CA ARG A 223 23.01 13.87 25.67
C ARG A 223 23.52 15.14 26.37
N LYS A 224 24.15 16.04 25.62
CA LYS A 224 24.54 17.39 26.07
C LYS A 224 23.36 18.28 26.45
N ALA A 225 22.33 18.28 25.61
CA ALA A 225 21.09 19.02 25.84
C ALA A 225 20.36 18.51 27.09
N GLU A 226 20.36 17.20 27.30
CA GLU A 226 19.90 16.60 28.56
C GLU A 226 20.69 17.10 29.79
N ALA A 227 22.01 17.15 29.68
CA ALA A 227 22.87 17.73 30.72
C ALA A 227 22.68 19.24 30.92
N GLU A 228 22.61 20.00 29.84
CA GLU A 228 22.36 21.44 29.93
C GLU A 228 20.97 21.79 30.50
N THR A 229 19.91 21.08 30.12
CA THR A 229 18.56 21.39 30.60
C THR A 229 18.10 20.60 31.83
N GLY A 230 18.84 19.56 32.22
CA GLY A 230 18.35 18.64 33.24
C GLY A 230 17.12 17.81 32.92
N GLU A 231 16.72 17.71 31.64
CA GLU A 231 15.48 17.08 31.21
C GLU A 231 15.77 16.07 30.08
N PRO A 232 15.10 14.90 30.07
CA PRO A 232 15.33 13.93 28.97
C PRO A 232 14.92 14.52 27.62
N LYS A 233 15.61 14.12 26.55
CA LYS A 233 15.36 14.56 25.19
C LYS A 233 15.39 13.34 24.24
N ILE A 234 14.63 13.43 23.16
CA ILE A 234 14.58 12.30 22.20
C ILE A 234 15.13 12.75 20.84
N TYR A 235 16.03 11.94 20.30
CA TYR A 235 16.47 12.04 18.91
C TYR A 235 15.72 10.90 18.19
N LEU A 236 14.84 11.31 17.28
CA LEU A 236 14.02 10.45 16.45
C LEU A 236 14.60 10.25 15.03
N ALA A 237 15.24 9.08 14.83
CA ALA A 237 16.02 8.78 13.63
C ALA A 237 15.16 8.01 12.62
N ASN A 238 15.15 8.48 11.37
CA ASN A 238 14.40 7.80 10.31
C ASN A 238 15.22 6.64 9.77
N ILE A 239 14.69 5.43 9.96
CA ILE A 239 15.39 4.25 9.50
C ILE A 239 14.69 3.50 8.37
N THR A 240 13.69 4.13 7.74
CA THR A 240 13.06 3.58 6.53
C THR A 240 14.10 3.04 5.55
N ASP A 241 13.93 1.78 5.15
CA ASP A 241 14.91 1.07 4.34
C ASP A 241 14.24 -0.22 3.87
N GLU A 242 14.94 -1.03 3.07
CA GLU A 242 14.44 -2.36 2.73
C GLU A 242 14.22 -3.20 3.99
N VAL A 243 13.19 -4.04 3.98
CA VAL A 243 12.80 -4.83 5.14
C VAL A 243 13.99 -5.58 5.78
N ASP A 244 14.84 -6.13 4.91
CA ASP A 244 15.96 -6.96 5.35
C ASP A 244 17.10 -6.15 6.00
N SER A 245 17.01 -4.80 5.96
CA SER A 245 17.98 -3.94 6.60
C SER A 245 17.50 -3.25 7.88
N LEU A 246 16.24 -3.42 8.25
CA LEU A 246 15.66 -2.58 9.31
C LEU A 246 16.28 -2.86 10.68
N MET A 247 16.45 -4.13 11.01
CA MET A 247 17.09 -4.47 12.30
C MET A 247 18.52 -3.95 12.44
N GLU A 248 19.31 -4.07 11.40
CA GLU A 248 20.65 -3.53 11.41
C GLU A 248 20.67 -1.99 11.51
N LYS A 249 19.72 -1.29 10.89
CA LYS A 249 19.58 0.16 11.02
C LYS A 249 19.11 0.58 12.42
N HIS A 250 18.19 -0.19 13.02
CA HIS A 250 17.86 -0.06 14.44
C HIS A 250 19.12 -0.14 15.26
N ASP A 251 19.93 -1.18 15.06
CA ASP A 251 21.10 -1.36 15.93
C ASP A 251 22.13 -0.25 15.77
N VAL A 252 22.32 0.24 14.54
CA VAL A 252 23.27 1.37 14.31
C VAL A 252 22.74 2.65 14.96
N ALA A 253 21.46 2.96 14.74
CA ALA A 253 20.94 4.23 15.25
C ALA A 253 20.94 4.20 16.80
N VAL A 254 20.46 3.11 17.37
CA VAL A 254 20.34 3.01 18.81
C VAL A 254 21.70 3.03 19.52
N ARG A 255 22.70 2.35 18.97
CA ARG A 255 24.03 2.34 19.58
C ARG A 255 24.67 3.74 19.48
N ASN A 256 24.24 4.54 18.52
CA ASN A 256 24.75 5.90 18.43
C ASN A 256 23.99 7.00 19.20
N GLY A 257 22.83 6.70 19.78
CA GLY A 257 22.13 7.69 20.59
C GLY A 257 20.73 8.07 20.11
N ALA A 258 20.25 7.51 19.01
CA ALA A 258 18.83 7.62 18.71
C ALA A 258 18.11 6.85 19.82
N ASN A 259 17.17 7.47 20.49
CA ASN A 259 16.36 6.77 21.48
C ASN A 259 14.89 6.61 21.07
N ALA A 260 14.60 6.85 19.80
CA ALA A 260 13.30 6.49 19.16
C ALA A 260 13.58 6.39 17.68
N LEU A 261 12.76 5.62 16.95
CA LEU A 261 12.99 5.37 15.52
C LEU A 261 11.74 5.77 14.75
N LEU A 262 11.93 6.40 13.61
CA LEU A 262 10.84 6.75 12.69
C LEU A 262 10.84 5.78 11.48
N ILE A 263 9.65 5.26 11.13
CA ILE A 263 9.44 4.38 9.99
C ILE A 263 8.28 4.91 9.12
N ASN A 264 8.44 4.93 7.80
CA ASN A 264 7.28 5.17 6.95
C ASN A 264 6.48 3.87 6.75
N ALA A 265 5.36 3.80 7.45
CA ALA A 265 4.66 2.56 7.70
C ALA A 265 4.19 1.85 6.43
N LEU A 266 3.47 2.54 5.54
CA LEU A 266 2.99 1.89 4.32
C LEU A 266 4.07 1.55 3.32
N PRO A 267 4.99 2.50 3.01
CA PRO A 267 6.12 2.14 2.15
C PRO A 267 6.89 0.90 2.60
N VAL A 268 7.17 0.70 3.90
CA VAL A 268 7.87 -0.52 4.32
C VAL A 268 6.88 -1.71 4.45
N GLY A 269 5.60 -1.43 4.69
CA GLY A 269 4.59 -2.46 4.85
C GLY A 269 4.30 -2.69 6.33
N LEU A 270 3.02 -2.82 6.67
CA LEU A 270 2.56 -3.03 8.07
C LEU A 270 3.13 -4.27 8.76
N SER A 271 3.33 -5.35 8.00
CA SER A 271 3.98 -6.58 8.47
C SER A 271 5.45 -6.40 8.87
N ALA A 272 6.22 -5.66 8.07
CA ALA A 272 7.58 -5.28 8.47
C ALA A 272 7.61 -4.38 9.73
N VAL A 273 6.66 -3.44 9.89
CA VAL A 273 6.50 -2.68 11.14
C VAL A 273 6.32 -3.60 12.37
N ARG A 274 5.45 -4.59 12.22
CA ARG A 274 5.23 -5.59 13.27
C ARG A 274 6.50 -6.33 13.66
N MET A 275 7.27 -6.76 12.66
CA MET A 275 8.58 -7.36 12.87
C MET A 275 9.58 -6.43 13.62
N LEU A 276 9.68 -5.20 13.16
CA LEU A 276 10.58 -4.26 13.86
C LEU A 276 10.03 -3.96 15.27
N SER A 277 8.71 -3.90 15.42
CA SER A 277 8.16 -3.59 16.74
C SER A 277 8.48 -4.70 17.77
N ASN A 278 8.55 -5.94 17.33
CA ASN A 278 8.99 -7.05 18.20
C ASN A 278 10.47 -7.05 18.54
N TYR A 279 11.28 -6.44 17.69
CA TYR A 279 12.73 -6.45 17.88
C TYR A 279 13.15 -5.23 18.70
N THR A 280 12.40 -4.15 18.57
CA THR A 280 12.94 -2.85 18.91
C THR A 280 13.18 -2.63 20.40
N GLN A 281 14.25 -1.89 20.70
CA GLN A 281 14.59 -1.53 22.08
C GLN A 281 14.11 -0.13 22.42
N VAL A 282 13.49 0.53 21.43
CA VAL A 282 13.16 1.93 21.58
C VAL A 282 11.80 2.17 20.92
N PRO A 283 11.12 3.23 21.34
CA PRO A 283 9.84 3.59 20.70
C PRO A 283 9.89 3.73 19.19
N LEU A 284 8.83 3.28 18.50
CA LEU A 284 8.75 3.41 17.04
C LEU A 284 7.63 4.37 16.68
N ILE A 285 7.87 5.26 15.72
CA ILE A 285 6.86 6.26 15.40
C ILE A 285 6.58 6.13 13.89
N GLY A 286 5.33 6.13 13.48
CA GLY A 286 4.97 5.92 12.09
C GLY A 286 4.69 7.25 11.43
N HIS A 287 5.16 7.42 10.20
CA HIS A 287 4.80 8.59 9.40
C HIS A 287 3.84 8.14 8.31
N PHE A 288 3.14 9.10 7.69
CA PHE A 288 2.02 8.78 6.80
C PHE A 288 2.15 8.75 5.25
N PRO A 289 3.37 8.75 4.67
CA PRO A 289 3.42 8.70 3.20
C PRO A 289 2.64 7.54 2.60
N PHE A 290 2.03 7.81 1.46
CA PHE A 290 1.35 6.80 0.61
C PHE A 290 -0.14 6.66 0.96
N ILE A 291 -0.51 6.83 2.24
CA ILE A 291 -1.86 6.52 2.75
C ILE A 291 -2.89 7.32 1.92
N ALA A 292 -2.56 8.54 1.52
CA ALA A 292 -3.52 9.40 0.78
C ALA A 292 -3.92 8.84 -0.56
N SER A 293 -3.10 7.97 -1.14
CA SER A 293 -3.42 7.50 -2.50
C SER A 293 -4.71 6.67 -2.46
N PHE A 294 -5.02 6.05 -1.33
CA PHE A 294 -6.23 5.22 -1.23
C PHE A 294 -7.35 5.75 -0.30
N SER A 295 -7.04 6.80 0.47
CA SER A 295 -7.93 7.30 1.51
C SER A 295 -8.55 8.70 1.24
N ARG A 296 -8.13 9.37 0.17
CA ARG A 296 -8.65 10.72 -0.12
C ARG A 296 -10.07 10.78 -0.71
N MET A 297 -10.46 9.81 -1.53
CA MET A 297 -11.79 9.84 -2.14
C MET A 297 -12.80 9.65 -1.02
N GLU A 298 -13.82 10.49 -1.00
CA GLU A 298 -14.78 10.46 0.11
C GLU A 298 -15.58 9.15 0.11
N LYS A 299 -15.74 8.54 -1.08
CA LYS A 299 -16.56 7.34 -1.25
C LYS A 299 -15.87 6.14 -1.94
N TYR A 300 -14.54 6.13 -1.95
CA TYR A 300 -13.79 5.01 -2.52
C TYR A 300 -12.47 4.75 -1.77
N GLY A 301 -12.14 3.48 -1.54
CA GLY A 301 -10.81 3.08 -1.07
C GLY A 301 -10.84 2.53 0.35
N ILE A 302 -10.03 3.13 1.24
CA ILE A 302 -9.97 2.76 2.65
C ILE A 302 -9.92 4.04 3.47
N HIS A 303 -10.80 4.16 4.47
CA HIS A 303 -10.72 5.29 5.39
C HIS A 303 -9.39 5.37 6.12
N SER A 304 -8.81 6.58 6.24
CA SER A 304 -7.49 6.72 6.91
C SER A 304 -7.52 6.19 8.34
N LYS A 305 -8.66 6.26 9.01
CA LYS A 305 -8.69 5.75 10.38
C LYS A 305 -8.40 4.24 10.54
N VAL A 306 -8.72 3.47 9.50
CA VAL A 306 -8.38 2.05 9.44
C VAL A 306 -6.88 1.86 9.47
N MET A 307 -6.14 2.64 8.67
CA MET A 307 -4.69 2.52 8.65
C MET A 307 -4.07 2.93 9.99
N THR A 308 -4.62 3.97 10.62
CA THR A 308 -4.17 4.37 11.97
C THR A 308 -4.32 3.23 12.97
N LYS A 309 -5.50 2.60 12.98
CA LYS A 309 -5.82 1.43 13.80
C LYS A 309 -4.84 0.29 13.51
N LEU A 310 -4.62 0.03 12.22
CA LEU A 310 -3.64 -0.99 11.85
C LEU A 310 -2.19 -0.71 12.24
N GLN A 311 -1.74 0.54 12.08
CA GLN A 311 -0.45 0.95 12.58
C GLN A 311 -0.25 0.70 14.09
N ARG A 312 -1.23 1.17 14.85
CA ARG A 312 -1.32 0.84 16.29
C ARG A 312 -1.24 -0.69 16.56
N LEU A 313 -2.08 -1.47 15.88
CA LEU A 313 -2.05 -2.92 16.04
C LEU A 313 -0.69 -3.50 15.70
N ALA A 314 -0.07 -3.03 14.61
CA ALA A 314 1.29 -3.46 14.23
C ALA A 314 2.39 -3.10 15.26
N GLY A 315 2.11 -2.15 16.13
CA GLY A 315 2.97 -1.77 17.23
C GLY A 315 3.70 -0.45 17.18
N LEU A 316 3.20 0.53 16.43
CA LEU A 316 3.75 1.89 16.47
C LEU A 316 3.30 2.59 17.74
N ASP A 317 4.24 3.28 18.39
CA ASP A 317 4.00 3.93 19.70
C ASP A 317 3.42 5.31 19.57
N ALA A 318 3.53 5.84 18.36
CA ALA A 318 3.00 7.14 17.92
C ALA A 318 2.78 7.14 16.42
N VAL A 319 1.75 7.88 16.02
CA VAL A 319 1.37 7.93 14.62
C VAL A 319 1.25 9.39 14.21
N ILE A 320 2.18 9.81 13.34
CA ILE A 320 2.07 11.12 12.75
C ILE A 320 1.03 11.04 11.66
N MET A 321 0.17 12.06 11.60
CA MET A 321 -1.02 12.12 10.74
C MET A 321 -1.31 13.55 10.28
N PRO A 322 -2.04 13.70 9.15
CA PRO A 322 -2.53 15.06 8.88
C PRO A 322 -3.23 15.63 10.10
N GLY A 323 -3.09 16.92 10.35
CA GLY A 323 -3.78 17.53 11.48
C GLY A 323 -4.80 18.60 11.12
N PHE A 324 -4.90 19.60 12.00
CA PHE A 324 -5.92 20.65 11.91
C PHE A 324 -5.45 21.89 11.17
N GLY A 325 -6.40 22.62 10.59
CA GLY A 325 -6.05 23.83 9.82
C GLY A 325 -6.66 23.84 8.44
N ASP A 326 -7.06 25.02 7.98
CA ASP A 326 -7.75 25.15 6.69
C ASP A 326 -6.98 24.59 5.49
N ARG A 327 -5.66 24.79 5.48
CA ARG A 327 -4.79 24.32 4.40
C ARG A 327 -4.48 22.82 4.37
N VAL A 328 -4.87 22.10 5.43
CA VAL A 328 -4.69 20.66 5.46
C VAL A 328 -5.80 20.00 4.64
N MET A 329 -5.41 19.18 3.67
CA MET A 329 -6.37 18.53 2.77
C MET A 329 -7.06 17.29 3.34
N THR A 330 -7.33 17.31 4.65
CA THR A 330 -8.11 16.27 5.31
C THR A 330 -9.21 16.99 6.11
N PRO A 331 -10.48 16.54 6.01
CA PRO A 331 -11.49 17.19 6.83
C PRO A 331 -11.20 17.01 8.32
N GLU A 332 -11.50 18.05 9.09
CA GLU A 332 -11.35 18.09 10.52
C GLU A 332 -11.98 16.89 11.23
N GLU A 333 -13.21 16.52 10.84
CA GLU A 333 -13.87 15.34 11.45
C GLU A 333 -13.08 14.04 11.24
N GLU A 334 -12.48 13.89 10.07
CA GLU A 334 -11.62 12.75 9.82
C GLU A 334 -10.36 12.75 10.70
N VAL A 335 -9.70 13.91 10.81
CA VAL A 335 -8.58 14.04 11.74
C VAL A 335 -8.98 13.57 13.16
N LEU A 336 -10.14 13.97 13.66
CA LEU A 336 -10.50 13.65 15.06
C LEU A 336 -10.83 12.16 15.24
N GLU A 337 -11.39 11.53 14.20
CA GLU A 337 -11.59 10.09 14.19
C GLU A 337 -10.25 9.36 14.28
N ASN A 338 -9.23 9.87 13.59
CA ASN A 338 -7.90 9.24 13.60
C ASN A 338 -7.30 9.39 14.99
N VAL A 339 -7.44 10.58 15.59
CA VAL A 339 -6.97 10.82 16.98
C VAL A 339 -7.54 9.81 18.01
N ILE A 340 -8.83 9.57 17.93
CA ILE A 340 -9.47 8.60 18.80
C ILE A 340 -9.05 7.14 18.57
N GLU A 341 -8.76 6.75 17.31
CA GLU A 341 -8.27 5.38 17.04
C GLU A 341 -6.97 5.05 17.77
N CYS A 342 -6.11 6.07 17.90
CA CYS A 342 -4.88 5.93 18.67
C CYS A 342 -5.11 5.68 20.15
N THR A 343 -6.10 6.37 20.72
CA THR A 343 -6.18 6.46 22.17
C THR A 343 -7.26 5.55 22.78
N LYS A 344 -8.23 5.09 21.99
CA LYS A 344 -9.37 4.35 22.54
C LYS A 344 -9.00 2.93 22.98
N PRO A 345 -9.78 2.36 23.92
CA PRO A 345 -9.66 0.97 24.35
C PRO A 345 -9.70 0.04 23.16
N MET A 346 -8.74 -0.89 23.11
CA MET A 346 -8.64 -1.87 22.02
C MET A 346 -8.06 -3.13 22.64
N GLY A 347 -8.90 -3.91 23.34
CA GLY A 347 -8.41 -5.09 24.06
C GLY A 347 -7.25 -4.71 24.98
N ARG A 348 -6.18 -5.50 24.99
CA ARG A 348 -4.98 -5.14 25.76
C ARG A 348 -3.92 -4.36 24.94
N ILE A 349 -4.28 -3.92 23.73
CA ILE A 349 -3.35 -3.12 22.90
C ILE A 349 -3.09 -1.71 23.51
N LYS A 350 -1.84 -1.37 23.80
CA LYS A 350 -1.53 0.00 24.33
C LYS A 350 -2.00 1.12 23.42
N PRO A 351 -2.41 2.24 24.01
CA PRO A 351 -2.70 3.38 23.16
C PRO A 351 -1.42 3.94 22.62
N CYS A 352 -1.49 4.44 21.40
CA CYS A 352 -0.35 5.15 20.85
C CYS A 352 -0.64 6.66 20.80
N LEU A 353 0.42 7.45 20.72
CA LEU A 353 0.34 8.89 20.73
C LEU A 353 -0.04 9.41 19.35
N PRO A 354 -1.21 10.09 19.25
CA PRO A 354 -1.53 10.66 17.94
C PRO A 354 -0.76 11.96 17.78
N VAL A 355 -0.18 12.18 16.59
CA VAL A 355 0.54 13.40 16.32
C VAL A 355 -0.04 14.12 15.12
N PRO A 356 -1.12 14.90 15.34
CA PRO A 356 -1.72 15.58 14.17
C PRO A 356 -0.95 16.82 13.74
N GLY A 357 -0.27 16.71 12.60
CA GLY A 357 0.64 17.74 12.13
C GLY A 357 -0.04 18.62 11.09
N GLY A 358 -0.37 19.85 11.49
CA GLY A 358 -1.06 20.77 10.59
C GLY A 358 -0.27 22.04 10.30
N SER A 359 -1.00 23.12 10.08
CA SER A 359 -0.40 24.43 9.90
C SER A 359 -0.15 25.03 11.28
N ASP A 360 0.75 24.43 12.03
CA ASP A 360 0.84 24.71 13.45
C ASP A 360 1.97 25.62 13.87
N SER A 361 1.71 26.41 14.91
CA SER A 361 2.70 27.24 15.60
C SER A 361 2.29 27.40 17.07
N ALA A 362 3.09 28.13 17.85
CA ALA A 362 2.68 28.57 19.18
C ALA A 362 1.28 29.18 19.18
N LEU A 363 0.88 29.82 18.08
CA LEU A 363 -0.42 30.49 17.96
C LEU A 363 -1.60 29.54 17.72
N THR A 364 -1.33 28.30 17.32
CA THR A 364 -2.41 27.34 17.09
C THR A 364 -2.51 26.26 18.15
N LEU A 365 -1.63 26.28 19.15
CA LEU A 365 -1.61 25.21 20.15
C LEU A 365 -2.90 25.13 20.96
N GLN A 366 -3.48 26.27 21.30
CA GLN A 366 -4.70 26.29 22.10
C GLN A 366 -5.89 25.62 21.41
N THR A 367 -6.08 25.94 20.13
CA THR A 367 -7.02 25.27 19.22
C THR A 367 -6.92 23.76 19.13
N VAL A 368 -5.71 23.26 18.95
CA VAL A 368 -5.52 21.84 18.88
C VAL A 368 -5.88 21.18 20.22
N TYR A 369 -5.40 21.73 21.33
CA TYR A 369 -5.77 21.24 22.68
C TYR A 369 -7.28 21.24 22.84
N GLU A 370 -7.93 22.32 22.43
CA GLU A 370 -9.38 22.39 22.50
C GLU A 370 -10.11 21.34 21.67
N LYS A 371 -9.61 21.07 20.45
CA LYS A 371 -10.20 20.07 19.54
C LYS A 371 -10.00 18.65 20.01
N VAL A 372 -8.81 18.37 20.51
CA VAL A 372 -8.49 17.05 21.03
C VAL A 372 -9.24 16.80 22.35
N GLY A 373 -9.23 17.77 23.27
CA GLY A 373 -9.95 17.63 24.54
C GLY A 373 -9.18 17.03 25.70
N ASN A 374 -7.87 16.84 25.54
CA ASN A 374 -6.97 16.32 26.57
C ASN A 374 -5.53 16.63 26.12
N VAL A 375 -4.53 16.22 26.90
CA VAL A 375 -3.15 16.58 26.56
C VAL A 375 -2.41 15.43 25.86
N ASP A 376 -3.10 14.34 25.50
CA ASP A 376 -2.42 13.17 24.95
C ASP A 376 -2.26 13.27 23.42
N PHE A 377 -1.47 14.24 22.96
CA PHE A 377 -1.17 14.37 21.55
C PHE A 377 0.27 14.86 21.43
N GLY A 378 0.87 14.66 20.25
CA GLY A 378 2.09 15.34 19.86
C GLY A 378 1.73 16.58 19.04
N PHE A 379 2.51 17.65 19.25
CA PHE A 379 2.33 18.91 18.55
C PHE A 379 3.52 19.14 17.62
N VAL A 380 3.27 19.42 16.34
CA VAL A 380 4.34 19.68 15.37
C VAL A 380 4.21 21.04 14.71
N PRO A 381 4.93 22.04 15.24
CA PRO A 381 4.96 23.32 14.54
C PRO A 381 5.51 23.16 13.11
N GLY A 382 4.84 23.77 12.15
CA GLY A 382 5.34 23.86 10.79
C GLY A 382 6.10 25.15 10.60
N ARG A 383 5.73 26.17 11.36
CA ARG A 383 6.34 27.50 11.30
C ARG A 383 6.69 28.05 12.69
N GLY A 384 7.59 29.02 12.72
CA GLY A 384 7.89 29.79 13.92
C GLY A 384 8.69 29.10 15.02
N VAL A 385 9.36 28.00 14.69
CA VAL A 385 10.31 27.37 15.61
C VAL A 385 11.72 27.52 15.05
N PHE A 386 11.95 26.93 13.88
CA PHE A 386 13.25 26.96 13.24
C PHE A 386 13.39 28.22 12.41
N GLY A 387 12.26 28.70 11.88
CA GLY A 387 12.19 29.98 11.18
C GLY A 387 11.76 31.15 12.06
N HIS A 388 11.78 30.95 13.38
CA HIS A 388 11.53 32.03 14.35
C HIS A 388 12.62 33.10 14.24
N PRO A 389 12.24 34.39 14.20
CA PRO A 389 13.18 35.50 14.00
C PRO A 389 14.45 35.44 14.86
N MET A 390 14.33 34.89 16.07
CA MET A 390 15.44 34.80 17.00
C MET A 390 16.14 33.42 16.95
N GLY A 391 15.75 32.57 16.00
CA GLY A 391 16.42 31.27 15.83
C GLY A 391 15.61 30.06 16.29
N PRO A 392 16.26 28.89 16.43
CA PRO A 392 15.58 27.66 16.85
C PRO A 392 15.33 27.52 18.35
N LYS A 393 16.23 28.08 19.17
CA LYS A 393 16.05 28.03 20.61
C LYS A 393 14.85 28.90 21.05
N ALA A 394 14.70 30.07 20.44
CA ALA A 394 13.62 31.00 20.74
C ALA A 394 12.27 30.53 20.18
N GLY A 395 12.32 29.77 19.09
CA GLY A 395 11.12 29.20 18.50
C GLY A 395 10.56 28.10 19.38
N ALA A 396 11.44 27.29 19.95
CA ALA A 396 11.01 26.22 20.84
C ALA A 396 10.47 26.84 22.13
N LYS A 397 11.16 27.87 22.61
CA LYS A 397 10.72 28.64 23.79
C LYS A 397 9.32 29.23 23.69
N SER A 398 8.99 29.79 22.54
CA SER A 398 7.65 30.34 22.29
C SER A 398 6.55 29.26 22.36
N ILE A 399 6.89 28.03 21.97
CA ILE A 399 5.93 26.91 22.08
C ILE A 399 5.65 26.65 23.56
N ARG A 400 6.73 26.50 24.33
CA ARG A 400 6.59 26.30 25.77
C ARG A 400 5.87 27.44 26.49
N GLN A 401 6.06 28.69 26.06
CA GLN A 401 5.38 29.84 26.67
C GLN A 401 3.88 29.83 26.36
N ALA A 402 3.54 29.47 25.13
CA ALA A 402 2.15 29.30 24.73
C ALA A 402 1.45 28.18 25.55
N TRP A 403 2.14 27.06 25.77
CA TRP A 403 1.62 26.01 26.64
C TRP A 403 1.33 26.54 28.06
N GLU A 404 2.28 27.30 28.62
CA GLU A 404 2.14 27.89 29.97
C GLU A 404 1.01 28.88 30.11
N ALA A 405 0.79 29.69 29.10
CA ALA A 405 -0.40 30.55 29.02
C ALA A 405 -1.70 29.73 29.03
N ILE A 406 -1.79 28.70 28.19
CA ILE A 406 -2.94 27.74 28.23
C ILE A 406 -3.23 27.14 29.63
N GLU A 407 -2.17 26.67 30.31
CA GLU A 407 -2.25 26.17 31.67
C GLU A 407 -2.81 27.18 32.70
N GLN A 408 -2.43 28.46 32.57
CA GLN A 408 -2.89 29.51 33.46
C GLN A 408 -4.29 29.99 33.08
N GLY A 409 -4.82 29.48 31.97
CA GLY A 409 -6.03 30.03 31.36
C GLY A 409 -5.86 31.49 31.00
N ILE A 410 -4.66 31.86 30.57
CA ILE A 410 -4.40 33.21 30.08
C ILE A 410 -4.31 33.14 28.55
N SER A 411 -4.78 34.20 27.88
CA SER A 411 -4.65 34.27 26.42
C SER A 411 -3.19 34.45 26.01
N ILE A 412 -2.89 33.93 24.83
CA ILE A 412 -1.59 34.07 24.17
C ILE A 412 -1.07 35.52 24.18
N GLU A 413 -1.90 36.48 23.81
CA GLU A 413 -1.43 37.86 23.70
C GLU A 413 -1.16 38.54 25.04
N THR A 414 -1.93 38.19 26.07
CA THR A 414 -1.68 38.70 27.42
C THR A 414 -0.36 38.10 27.89
N TRP A 415 -0.18 36.80 27.68
CA TRP A 415 1.06 36.15 28.09
C TRP A 415 2.28 36.75 27.37
N ALA A 416 2.14 36.97 26.07
CA ALA A 416 3.20 37.57 25.23
C ALA A 416 3.74 38.92 25.72
N GLU A 417 2.86 39.74 26.30
CA GLU A 417 3.27 41.01 26.89
C GLU A 417 4.52 40.91 27.75
N THR A 418 4.65 39.81 28.50
CA THR A 418 5.80 39.62 29.36
C THR A 418 6.78 38.55 28.84
N HIS A 419 6.53 38.01 27.65
CA HIS A 419 7.37 36.92 27.14
C HIS A 419 7.84 37.17 25.71
N PRO A 420 9.07 37.74 25.55
CA PRO A 420 9.53 38.26 24.27
C PRO A 420 9.52 37.27 23.09
N GLU A 421 9.90 36.02 23.35
CA GLU A 421 9.96 34.99 22.31
C GLU A 421 8.59 34.73 21.71
N LEU A 422 7.55 34.75 22.55
CA LEU A 422 6.16 34.55 22.13
C LEU A 422 5.64 35.79 21.38
N GLN A 423 6.04 36.96 21.86
CA GLN A 423 5.62 38.23 21.25
C GLN A 423 6.08 38.38 19.79
N ALA A 424 7.27 37.89 19.47
CA ALA A 424 7.78 37.90 18.09
C ALA A 424 6.84 37.12 17.15
N MET A 425 6.32 36.00 17.64
CA MET A 425 5.44 35.17 16.83
C MET A 425 4.10 35.85 16.63
N VAL A 426 3.59 36.49 17.69
CA VAL A 426 2.40 37.33 17.59
C VAL A 426 2.65 38.51 16.63
N ASP A 427 3.90 38.99 16.56
CA ASP A 427 4.21 40.09 15.65
C ASP A 427 4.14 39.69 14.17
N GLN A 428 4.85 38.63 13.79
CA GLN A 428 4.87 38.15 12.40
C GLN A 428 3.49 38.13 11.73
N GLU B 4 13.28 35.10 -4.99
CA GLU B 4 11.92 34.54 -5.22
C GLU B 4 11.88 33.74 -6.52
N ASP B 5 12.12 32.43 -6.43
CA ASP B 5 12.44 31.67 -7.63
C ASP B 5 11.82 30.27 -7.83
N VAL B 6 10.64 30.32 -8.43
CA VAL B 6 9.97 29.22 -9.11
C VAL B 6 10.85 28.62 -10.22
N LYS B 7 11.58 29.45 -10.96
CA LYS B 7 12.32 28.97 -12.14
C LYS B 7 13.53 28.06 -11.82
N GLY B 8 13.96 28.04 -10.56
CA GLY B 8 14.96 27.05 -10.12
C GLY B 8 14.49 25.60 -10.09
N PHE B 9 13.19 25.37 -10.30
CA PHE B 9 12.64 24.00 -10.33
C PHE B 9 12.27 23.54 -11.73
N PHE B 10 12.83 24.25 -12.70
CA PHE B 10 12.61 23.99 -14.12
C PHE B 10 13.96 23.79 -14.79
N ALA B 11 14.08 22.70 -15.54
CA ALA B 11 15.28 22.37 -16.28
C ALA B 11 14.96 21.69 -17.60
N SER B 12 15.77 21.96 -18.62
CA SER B 12 15.76 21.14 -19.83
C SER B 12 16.40 19.78 -19.52
N ARG B 13 15.83 18.73 -20.09
CA ARG B 13 16.37 17.38 -19.99
C ARG B 13 17.85 17.32 -20.42
N GLU B 14 18.18 18.11 -21.44
CA GLU B 14 19.52 18.20 -22.03
C GLU B 14 20.57 18.80 -21.10
N SER B 15 20.12 19.55 -20.09
CA SER B 15 21.03 20.25 -19.18
C SER B 15 21.39 19.33 -18.02
N LEU B 16 20.63 18.27 -17.84
CA LEU B 16 20.85 17.36 -16.73
C LEU B 16 21.59 16.10 -17.18
N ASP B 17 22.35 15.55 -16.24
CA ASP B 17 22.88 14.20 -16.39
C ASP B 17 21.77 13.20 -16.02
N MET B 18 21.06 12.72 -17.03
CA MET B 18 19.82 11.95 -16.82
C MET B 18 20.02 10.56 -16.20
N GLU B 19 21.27 10.09 -16.20
CA GLU B 19 21.61 8.86 -15.49
C GLU B 19 21.37 8.97 -13.96
N GLN B 20 21.29 10.20 -13.47
CA GLN B 20 21.20 10.54 -12.03
C GLN B 20 19.77 10.82 -11.57
N TYR B 21 18.83 10.69 -12.48
CA TYR B 21 17.45 11.05 -12.24
C TYR B 21 16.51 9.92 -12.65
N LEU B 22 15.43 9.73 -11.89
CA LEU B 22 14.27 8.99 -12.37
C LEU B 22 13.39 9.98 -13.13
N VAL B 23 12.64 9.48 -14.11
CA VAL B 23 11.67 10.34 -14.83
C VAL B 23 10.27 9.91 -14.47
N LEU B 24 9.52 10.85 -13.89
CA LEU B 24 8.21 10.52 -13.37
C LEU B 24 7.19 11.30 -14.21
N ASP B 25 6.06 10.67 -14.48
CA ASP B 25 4.95 11.34 -15.15
C ASP B 25 3.73 11.38 -14.27
N TYR B 26 3.19 12.60 -14.10
CA TYR B 26 2.04 12.85 -13.22
C TYR B 26 0.93 13.49 -14.05
N TYR B 27 -0.30 13.11 -13.73
CA TYR B 27 -1.47 13.94 -13.98
C TYR B 27 -1.73 14.68 -12.67
N LEU B 28 -2.13 15.94 -12.77
CA LEU B 28 -2.48 16.77 -11.61
C LEU B 28 -3.42 17.90 -12.00
N GLU B 29 -4.11 18.41 -10.98
CA GLU B 29 -4.97 19.56 -11.14
C GLU B 29 -4.44 20.58 -10.17
N SER B 30 -4.03 21.71 -10.72
CA SER B 30 -3.42 22.80 -9.98
C SER B 30 -4.44 23.92 -9.75
N VAL B 31 -4.28 24.66 -8.66
CA VAL B 31 -5.06 25.86 -8.39
C VAL B 31 -4.11 27.07 -8.35
N GLY B 32 -4.48 28.12 -9.07
CA GLY B 32 -3.67 29.34 -9.12
C GLY B 32 -2.64 29.25 -10.23
N ASP B 33 -1.58 30.05 -10.13
CA ASP B 33 -0.56 30.11 -11.17
C ASP B 33 0.07 28.73 -11.36
N ILE B 34 0.09 28.27 -12.62
CA ILE B 34 0.53 26.91 -12.91
C ILE B 34 1.99 26.62 -12.53
N GLU B 35 2.92 27.43 -13.04
CA GLU B 35 4.34 27.20 -12.79
C GLU B 35 4.73 27.27 -11.32
N THR B 36 4.04 28.12 -10.56
CA THR B 36 4.20 28.25 -9.11
C THR B 36 3.77 26.97 -8.42
N ALA B 37 2.62 26.43 -8.84
CA ALA B 37 2.14 25.21 -8.23
C ALA B 37 3.12 24.05 -8.52
N LEU B 38 3.69 24.03 -9.72
CA LEU B 38 4.59 22.96 -10.14
C LEU B 38 5.92 22.99 -9.39
N ALA B 39 6.44 24.19 -9.12
CA ALA B 39 7.65 24.36 -8.32
C ALA B 39 7.45 23.91 -6.86
N HIS B 40 6.35 24.35 -6.25
CA HIS B 40 5.90 23.85 -4.95
C HIS B 40 5.81 22.33 -4.89
N PHE B 41 5.21 21.74 -5.91
CA PHE B 41 5.11 20.28 -6.04
C PHE B 41 6.50 19.64 -6.00
N CYS B 42 7.43 20.22 -6.76
CA CYS B 42 8.82 19.75 -6.83
C CYS B 42 9.55 19.88 -5.51
N SER B 43 9.32 20.99 -4.85
CA SER B 43 9.97 21.36 -3.61
C SER B 43 9.45 20.40 -2.53
N GLU B 44 8.13 20.23 -2.47
CA GLU B 44 7.54 19.38 -1.45
C GLU B 44 7.95 17.90 -1.57
N GLN B 45 8.37 17.47 -2.75
CA GLN B 45 8.82 16.09 -2.93
C GLN B 45 10.33 15.92 -2.75
N SER B 46 11.03 17.02 -2.56
CA SER B 46 12.49 17.00 -2.46
C SER B 46 12.96 17.99 -1.39
N THR B 47 13.59 19.08 -1.82
CA THR B 47 14.07 20.14 -0.94
C THR B 47 12.95 21.13 -0.53
N PHE B 59 16.43 25.32 -3.36
CA PHE B 59 16.59 24.30 -4.39
C PHE B 59 18.04 23.88 -4.63
N ARG B 60 18.50 22.90 -3.85
CA ARG B 60 19.80 22.25 -4.07
C ARG B 60 19.86 21.70 -5.51
N LEU B 61 20.95 22.04 -6.19
CA LEU B 61 21.21 21.63 -7.57
C LEU B 61 21.25 20.09 -7.68
N VAL B 62 21.83 19.46 -6.66
CA VAL B 62 21.95 17.99 -6.53
C VAL B 62 20.67 17.28 -6.02
N HIS B 63 19.85 17.97 -5.22
CA HIS B 63 18.77 17.32 -4.46
C HIS B 63 17.37 17.72 -4.86
N ALA B 64 17.21 18.79 -5.64
CA ALA B 64 15.87 19.15 -6.11
C ALA B 64 15.38 18.29 -7.28
N ALA B 65 14.13 17.80 -7.15
CA ALA B 65 13.33 17.38 -8.28
C ALA B 65 13.05 18.59 -9.18
N LYS B 66 13.02 18.35 -10.48
CA LYS B 66 12.89 19.41 -11.49
C LYS B 66 11.85 19.12 -12.59
N VAL B 67 11.08 20.13 -13.00
CA VAL B 67 10.13 19.96 -14.11
C VAL B 67 10.92 20.00 -15.44
N ILE B 68 10.84 18.92 -16.21
CA ILE B 68 11.50 18.87 -17.53
C ILE B 68 10.54 19.02 -18.71
N ASP B 69 9.24 18.96 -18.43
CA ASP B 69 8.22 19.30 -19.41
C ASP B 69 6.86 19.24 -18.77
N TYR B 70 5.93 20.07 -19.25
CA TYR B 70 4.55 19.96 -18.84
C TYR B 70 3.59 20.31 -19.98
N GLU B 71 2.38 19.79 -19.91
CA GLU B 71 1.31 20.10 -20.87
C GLU B 71 0.08 20.55 -20.09
N VAL B 72 -0.49 21.69 -20.44
CA VAL B 72 -1.77 22.11 -19.86
C VAL B 72 -2.86 21.50 -20.74
N ILE B 73 -3.68 20.61 -20.17
CA ILE B 73 -4.73 19.94 -20.95
C ILE B 73 -5.97 20.82 -21.16
N GLU B 74 -6.50 21.36 -20.06
CA GLU B 74 -7.68 22.22 -20.11
C GLU B 74 -7.86 23.00 -18.80
N GLU B 75 -8.60 24.10 -18.89
CA GLU B 75 -9.09 24.73 -17.69
C GLU B 75 -10.34 23.94 -17.25
N LEU B 76 -10.47 23.78 -15.95
CA LEU B 76 -11.60 23.11 -15.32
C LEU B 76 -12.39 24.13 -14.50
N GLU B 77 -13.69 23.94 -14.42
CA GLU B 77 -14.53 24.79 -13.57
C GLU B 77 -14.51 24.29 -12.14
N GLN B 78 -14.04 23.06 -11.94
CA GLN B 78 -14.15 22.35 -10.67
C GLN B 78 -13.10 21.22 -10.66
N LEU B 79 -12.52 20.91 -9.50
CA LEU B 79 -11.69 19.70 -9.33
C LEU B 79 -12.50 18.48 -9.76
N SER B 80 -11.81 17.45 -10.26
CA SER B 80 -12.46 16.20 -10.63
C SER B 80 -13.11 15.49 -9.45
N TYR B 81 -12.51 15.62 -8.27
CA TYR B 81 -13.01 15.03 -7.02
C TYR B 81 -13.10 16.13 -5.97
N PRO B 82 -14.13 16.11 -5.12
CA PRO B 82 -14.10 17.14 -4.08
C PRO B 82 -12.96 16.88 -3.12
N VAL B 83 -12.11 17.89 -2.92
CA VAL B 83 -10.99 17.76 -2.00
C VAL B 83 -11.05 19.06 -1.20
N LYS B 84 -11.03 18.92 0.13
CA LYS B 84 -10.91 20.06 1.02
C LYS B 84 -9.62 20.81 0.69
N HIS B 85 -9.77 22.06 0.24
CA HIS B 85 -8.61 22.93 0.02
C HIS B 85 -9.07 24.36 0.26
N SER B 86 -8.13 25.21 0.69
CA SER B 86 -8.45 26.62 0.87
C SER B 86 -7.90 27.44 -0.29
N GLU B 87 -7.32 26.76 -1.28
CA GLU B 87 -6.67 27.44 -2.39
C GLU B 87 -7.65 28.24 -3.24
N THR B 88 -7.21 29.46 -3.58
CA THR B 88 -7.91 30.40 -4.45
C THR B 88 -7.24 30.43 -5.84
N GLY B 89 -8.06 30.42 -6.89
CA GLY B 89 -7.57 30.58 -8.25
C GLY B 89 -8.18 29.66 -9.29
N LYS B 90 -7.81 29.93 -10.56
CA LYS B 90 -8.11 29.07 -11.71
C LYS B 90 -7.58 27.64 -11.55
N ILE B 91 -8.39 26.68 -11.98
CA ILE B 91 -8.08 25.27 -11.90
C ILE B 91 -7.71 24.80 -13.30
N HIS B 92 -6.58 24.11 -13.42
CA HIS B 92 -6.13 23.52 -14.69
C HIS B 92 -5.75 22.06 -14.53
N ALA B 93 -6.11 21.24 -15.52
CA ALA B 93 -5.56 19.87 -15.59
C ALA B 93 -4.22 19.92 -16.34
N CYS B 94 -3.23 19.19 -15.80
CA CYS B 94 -1.91 19.14 -16.40
C CYS B 94 -1.32 17.74 -16.39
N ARG B 95 -0.53 17.46 -17.43
CA ARG B 95 0.38 16.33 -17.48
C ARG B 95 1.78 16.92 -17.31
N VAL B 96 2.56 16.35 -16.40
CA VAL B 96 3.84 16.91 -16.00
C VAL B 96 4.89 15.83 -15.93
N THR B 97 6.10 16.19 -16.36
CA THR B 97 7.23 15.30 -16.35
C THR B 97 8.29 15.86 -15.42
N ILE B 98 8.71 15.04 -14.47
CA ILE B 98 9.63 15.48 -13.45
C ILE B 98 10.87 14.60 -13.43
N ALA B 99 12.02 15.24 -13.39
CA ALA B 99 13.30 14.56 -13.19
C ALA B 99 13.60 14.58 -11.70
N HIS B 100 13.70 13.40 -11.10
CA HIS B 100 13.85 13.27 -9.67
C HIS B 100 15.17 12.57 -9.36
N PRO B 101 16.10 13.27 -8.69
CA PRO B 101 17.43 12.70 -8.45
C PRO B 101 17.38 11.51 -7.51
N HIS B 102 17.88 10.37 -7.99
CA HIS B 102 17.73 9.13 -7.22
C HIS B 102 18.73 8.99 -6.08
N CYS B 103 19.72 9.87 -6.02
CA CYS B 103 20.58 9.99 -4.83
C CYS B 103 19.80 10.30 -3.53
N ASN B 104 18.62 10.89 -3.66
CA ASN B 104 17.79 11.19 -2.50
C ASN B 104 17.22 9.96 -1.76
N PHE B 105 17.03 8.87 -2.49
CA PHE B 105 16.47 7.66 -1.88
C PHE B 105 17.29 6.37 -2.07
N GLY B 106 18.03 6.26 -3.16
CA GLY B 106 18.86 5.07 -3.46
C GLY B 106 18.03 3.87 -3.94
N PRO B 107 18.67 2.69 -4.13
CA PRO B 107 18.02 1.53 -4.73
C PRO B 107 17.23 0.75 -3.67
N LYS B 108 16.25 1.42 -3.10
CA LYS B 108 15.51 0.94 -1.92
C LYS B 108 14.09 1.24 -2.19
N ILE B 109 13.27 0.18 -2.27
CA ILE B 109 11.88 0.35 -2.71
C ILE B 109 11.00 1.25 -1.78
N PRO B 110 11.12 1.10 -0.45
CA PRO B 110 10.34 1.94 0.48
C PRO B 110 10.69 3.44 0.42
N ASN B 111 11.98 3.72 0.30
CA ASN B 111 12.46 5.08 0.07
C ASN B 111 11.99 5.67 -1.25
N LEU B 112 11.99 4.86 -2.31
CA LEU B 112 11.42 5.30 -3.60
C LEU B 112 9.95 5.70 -3.49
N LEU B 113 9.14 4.81 -2.92
CA LEU B 113 7.73 5.06 -2.68
C LEU B 113 7.53 6.34 -1.86
N THR B 114 8.31 6.48 -0.79
CA THR B 114 8.20 7.66 0.05
C THR B 114 8.36 8.97 -0.74
N ALA B 115 9.26 8.96 -1.72
CA ALA B 115 9.61 10.19 -2.44
C ALA B 115 8.66 10.53 -3.60
N VAL B 116 8.22 9.51 -4.32
CA VAL B 116 7.43 9.70 -5.54
C VAL B 116 5.90 9.58 -5.38
N CYS B 117 5.44 8.99 -4.29
CA CYS B 117 4.01 8.94 -3.97
C CYS B 117 3.81 9.08 -2.46
N GLY B 118 4.38 10.12 -1.86
CA GLY B 118 4.47 10.20 -0.41
C GLY B 118 3.84 11.50 0.04
N GLU B 119 4.34 12.11 1.10
CA GLU B 119 3.59 13.25 1.67
C GLU B 119 3.56 14.48 0.75
N GLY B 120 4.70 14.78 0.13
CA GLY B 120 4.77 15.85 -0.86
C GLY B 120 3.88 15.66 -2.08
N THR B 121 3.75 14.41 -2.52
CA THR B 121 3.03 14.10 -3.73
C THR B 121 1.56 14.48 -3.56
N TYR B 122 0.98 14.20 -2.40
CA TYR B 122 -0.47 14.32 -2.23
C TYR B 122 -0.88 15.49 -1.33
N PHE B 123 0.07 16.12 -0.66
CA PHE B 123 -0.26 17.23 0.24
C PHE B 123 0.38 18.58 -0.14
N THR B 124 0.74 18.78 -1.41
CA THR B 124 1.23 20.10 -1.84
C THR B 124 0.04 21.06 -1.92
N PRO B 125 0.14 22.24 -1.25
CA PRO B 125 -0.93 23.22 -1.29
C PRO B 125 -1.10 23.72 -2.72
N GLY B 126 -2.34 23.74 -3.22
CA GLY B 126 -2.61 24.10 -4.62
C GLY B 126 -2.59 22.97 -5.63
N VAL B 127 -2.24 21.76 -5.19
CA VAL B 127 -2.29 20.57 -6.03
C VAL B 127 -3.04 19.47 -5.28
N PRO B 128 -4.38 19.56 -5.28
CA PRO B 128 -5.21 18.63 -4.50
C PRO B 128 -5.48 17.27 -5.16
N VAL B 129 -5.37 17.20 -6.49
CA VAL B 129 -5.67 15.97 -7.25
C VAL B 129 -4.41 15.56 -8.02
N VAL B 130 -3.87 14.37 -7.74
CA VAL B 130 -2.62 13.88 -8.36
C VAL B 130 -2.70 12.38 -8.70
N LYS B 131 -2.24 12.00 -9.88
CA LYS B 131 -2.06 10.58 -10.21
C LYS B 131 -0.67 10.33 -10.73
N LEU B 132 0.11 9.45 -10.08
CA LEU B 132 1.42 9.00 -10.61
C LEU B 132 1.17 8.06 -11.81
N MET B 133 1.53 8.46 -13.03
CA MET B 133 1.19 7.75 -14.27
C MET B 133 2.28 6.78 -14.77
N ASP B 134 3.55 7.13 -14.53
CA ASP B 134 4.64 6.26 -15.01
C ASP B 134 5.93 6.58 -14.29
N ILE B 135 6.79 5.58 -14.19
CA ILE B 135 8.17 5.79 -13.76
C ILE B 135 9.14 5.20 -14.83
N HIS B 136 10.16 5.95 -15.21
N HIS B 136 10.13 6.00 -15.22
CA HIS B 136 11.23 5.43 -16.06
CA HIS B 136 11.26 5.54 -16.02
C HIS B 136 12.54 5.51 -15.31
C HIS B 136 12.50 5.47 -15.14
N PHE B 137 13.25 4.38 -15.25
CA PHE B 137 14.46 4.21 -14.49
C PHE B 137 15.68 4.17 -15.43
N PRO B 138 16.73 4.95 -15.15
CA PRO B 138 17.92 4.79 -15.98
C PRO B 138 18.68 3.49 -15.64
N ASP B 139 19.50 3.05 -16.58
CA ASP B 139 20.32 1.86 -16.40
C ASP B 139 21.17 1.93 -15.14
N THR B 140 21.70 3.12 -14.84
CA THR B 140 22.48 3.31 -13.61
C THR B 140 21.73 2.91 -12.34
N TYR B 141 20.47 3.37 -12.22
CA TYR B 141 19.61 3.00 -11.11
C TYR B 141 19.27 1.49 -11.14
N LEU B 142 18.81 0.97 -12.27
CA LEU B 142 18.57 -0.49 -12.41
C LEU B 142 19.75 -1.43 -12.08
N ALA B 143 20.98 -0.93 -12.20
CA ALA B 143 22.18 -1.75 -11.97
C ALA B 143 22.30 -2.24 -10.52
N ASP B 144 21.57 -1.58 -9.61
CA ASP B 144 21.53 -1.97 -8.20
C ASP B 144 20.42 -2.94 -7.81
N PHE B 145 19.57 -3.29 -8.77
CA PHE B 145 18.48 -4.26 -8.58
C PHE B 145 18.73 -5.62 -9.23
N GLU B 146 18.20 -6.69 -8.66
CA GLU B 146 18.41 -8.02 -9.22
C GLU B 146 17.35 -8.33 -10.29
N GLY B 147 16.10 -8.03 -9.96
CA GLY B 147 14.96 -8.38 -10.80
C GLY B 147 14.61 -9.86 -10.70
N PRO B 148 13.68 -10.33 -11.54
CA PRO B 148 13.25 -11.74 -11.49
C PRO B 148 14.43 -12.70 -11.63
N LYS B 149 14.45 -13.75 -10.83
CA LYS B 149 15.53 -14.73 -10.96
C LYS B 149 15.33 -15.61 -12.19
N PHE B 150 14.06 -15.85 -12.52
CA PHE B 150 13.65 -16.85 -13.52
C PHE B 150 13.01 -16.16 -14.73
N GLY B 151 12.08 -15.23 -14.49
CA GLY B 151 11.37 -14.61 -15.61
C GLY B 151 10.55 -15.53 -16.49
N ILE B 152 10.10 -14.99 -17.62
CA ILE B 152 9.36 -15.79 -18.62
C ILE B 152 10.18 -17.02 -19.05
N GLU B 153 11.42 -16.85 -19.44
CA GLU B 153 12.16 -17.99 -19.99
C GLU B 153 12.57 -19.04 -18.95
N GLY B 154 12.80 -18.64 -17.72
CA GLY B 154 12.95 -19.58 -16.60
C GLY B 154 11.72 -20.44 -16.40
N LEU B 155 10.52 -19.83 -16.49
CA LEU B 155 9.26 -20.55 -16.31
C LEU B 155 9.05 -21.49 -17.46
N ARG B 156 9.36 -21.04 -18.66
CA ARG B 156 9.19 -21.89 -19.83
C ARG B 156 10.13 -23.09 -19.79
N ASP B 157 11.37 -22.85 -19.38
CA ASP B 157 12.34 -23.93 -19.17
C ASP B 157 11.81 -24.96 -18.17
N ILE B 158 11.24 -24.52 -17.04
CA ILE B 158 10.63 -25.45 -16.09
C ILE B 158 9.49 -26.29 -16.67
N LEU B 159 8.60 -25.65 -17.42
CA LEU B 159 7.46 -26.34 -17.98
C LEU B 159 7.73 -27.01 -19.32
N ASN B 160 8.92 -26.81 -19.90
CA ASN B 160 9.19 -27.15 -21.30
C ASN B 160 8.01 -26.69 -22.15
N ALA B 161 7.54 -25.49 -21.90
CA ALA B 161 6.39 -24.90 -22.62
C ALA B 161 6.94 -23.82 -23.55
N HIS B 162 7.05 -24.12 -24.83
CA HIS B 162 7.56 -23.15 -25.80
C HIS B 162 6.58 -22.88 -26.94
N GLY B 163 6.55 -21.64 -27.40
CA GLY B 163 5.64 -21.23 -28.47
C GLY B 163 4.14 -21.26 -28.19
N ARG B 164 3.73 -21.16 -26.92
CA ARG B 164 2.32 -21.20 -26.59
C ARG B 164 2.18 -20.42 -25.28
N PRO B 165 0.97 -19.98 -24.94
CA PRO B 165 0.69 -19.35 -23.63
C PRO B 165 0.85 -20.40 -22.52
N ILE B 166 1.00 -19.94 -21.28
CA ILE B 166 1.08 -20.79 -20.10
C ILE B 166 -0.31 -20.88 -19.46
N PHE B 167 -0.81 -22.10 -19.25
CA PHE B 167 -2.18 -22.30 -18.79
C PHE B 167 -2.27 -22.53 -17.29
N PHE B 168 -2.97 -21.59 -16.62
CA PHE B 168 -3.16 -21.62 -15.17
C PHE B 168 -4.56 -22.15 -14.83
N GLY B 169 -4.70 -22.81 -13.68
CA GLY B 169 -6.01 -23.24 -13.20
C GLY B 169 -6.11 -22.94 -11.72
N VAL B 170 -7.13 -22.20 -11.35
CA VAL B 170 -7.34 -21.92 -9.94
C VAL B 170 -8.30 -22.99 -9.46
N VAL B 171 -7.74 -23.94 -8.70
CA VAL B 171 -8.46 -25.10 -8.19
C VAL B 171 -9.64 -24.64 -7.33
N LYS B 172 -10.84 -25.02 -7.73
CA LYS B 172 -12.02 -24.70 -6.95
C LYS B 172 -12.72 -26.01 -6.56
N PRO B 173 -13.33 -26.09 -5.35
CA PRO B 173 -13.42 -25.08 -4.27
C PRO B 173 -12.20 -25.00 -3.33
N ASN B 174 -12.34 -24.23 -2.25
CA ASN B 174 -11.29 -24.06 -1.22
C ASN B 174 -11.79 -24.29 0.21
N LEU B 177 -11.94 -26.98 1.61
CA LEU B 177 -11.50 -28.31 1.19
C LEU B 177 -10.29 -28.81 1.98
N SER B 178 -10.19 -30.13 2.11
CA SER B 178 -9.02 -30.79 2.71
C SER B 178 -7.93 -31.01 1.67
N PRO B 179 -6.65 -30.90 2.07
CA PRO B 179 -5.50 -31.20 1.20
C PRO B 179 -5.66 -32.35 0.19
N GLY B 180 -6.34 -33.44 0.58
CA GLY B 180 -6.57 -34.58 -0.30
C GLY B 180 -7.70 -34.45 -1.31
N GLU B 181 -8.64 -33.56 -1.01
CA GLU B 181 -9.76 -33.30 -1.93
C GLU B 181 -9.34 -32.33 -3.04
N PHE B 182 -8.63 -31.28 -2.62
CA PHE B 182 -7.91 -30.36 -3.48
C PHE B 182 -7.02 -31.17 -4.42
N ALA B 183 -6.15 -32.00 -3.84
CA ALA B 183 -5.18 -32.82 -4.60
C ALA B 183 -5.72 -33.57 -5.81
N GLU B 184 -6.86 -34.25 -5.68
CA GLU B 184 -7.39 -35.00 -6.82
C GLU B 184 -8.00 -34.15 -7.93
N ILE B 185 -8.61 -33.02 -7.56
CA ILE B 185 -9.03 -32.02 -8.56
C ILE B 185 -7.81 -31.49 -9.35
N ALA B 186 -6.76 -31.08 -8.65
CA ALA B 186 -5.56 -30.55 -9.29
C ALA B 186 -4.94 -31.58 -10.26
N TYR B 187 -4.86 -32.82 -9.79
CA TYR B 187 -4.33 -33.95 -10.55
C TYR B 187 -5.06 -34.17 -11.89
N GLN B 188 -6.38 -34.02 -11.87
CA GLN B 188 -7.16 -34.19 -13.10
C GLN B 188 -6.84 -33.07 -14.07
N SER B 189 -6.86 -31.82 -13.59
CA SER B 189 -6.51 -30.66 -14.44
C SER B 189 -5.14 -30.76 -15.09
N TRP B 190 -4.12 -31.26 -14.39
CA TRP B 190 -2.80 -31.47 -14.95
C TRP B 190 -2.72 -32.56 -16.02
N LEU B 191 -3.42 -33.67 -15.79
CA LEU B 191 -3.63 -34.75 -16.77
C LEU B 191 -4.26 -34.28 -18.09
N GLY B 192 -5.23 -33.38 -18.01
CA GLY B 192 -5.84 -32.85 -19.23
C GLY B 192 -5.09 -31.70 -19.86
N GLY B 193 -3.98 -31.29 -19.26
CA GLY B 193 -3.09 -30.40 -20.00
C GLY B 193 -2.82 -29.03 -19.42
N LEU B 194 -3.33 -28.72 -18.24
CA LEU B 194 -2.96 -27.52 -17.51
C LEU B 194 -1.49 -27.56 -17.11
N ASP B 195 -0.82 -26.40 -17.13
CA ASP B 195 0.58 -26.28 -16.70
C ASP B 195 0.66 -26.07 -15.16
N ILE B 196 -0.14 -25.13 -14.67
CA ILE B 196 0.01 -24.66 -13.29
C ILE B 196 -1.31 -24.75 -12.54
N ALA B 197 -1.33 -25.48 -11.44
CA ALA B 197 -2.51 -25.47 -10.56
C ALA B 197 -2.12 -24.69 -9.32
N LYS B 198 -2.94 -23.68 -9.00
CA LYS B 198 -2.67 -22.81 -7.88
C LYS B 198 -3.70 -22.80 -6.75
N ASP B 199 -3.23 -22.42 -5.56
CA ASP B 199 -4.05 -21.94 -4.44
C ASP B 199 -4.74 -20.59 -4.75
N ASP B 200 -5.96 -20.39 -4.23
CA ASP B 200 -6.58 -19.05 -4.22
C ASP B 200 -5.75 -18.10 -3.35
N GLU B 201 -5.75 -16.81 -3.69
CA GLU B 201 -4.88 -15.87 -2.98
C GLU B 201 -5.38 -15.58 -1.56
N MET B 202 -6.59 -16.04 -1.27
CA MET B 202 -7.15 -15.97 0.07
C MET B 202 -6.95 -17.25 0.91
N LEU B 203 -6.26 -18.23 0.32
CA LEU B 203 -6.01 -19.53 0.93
C LEU B 203 -4.53 -19.76 1.24
N ALA B 204 -4.06 -19.37 2.42
CA ALA B 204 -2.64 -19.58 2.76
C ALA B 204 -2.44 -20.58 3.91
N ASP B 205 -1.84 -20.14 5.01
CA ASP B 205 -1.56 -21.05 6.13
C ASP B 205 -2.61 -20.93 7.26
N VAL B 206 -3.57 -21.86 7.26
CA VAL B 206 -4.68 -21.86 8.23
C VAL B 206 -4.88 -23.23 8.88
N THR B 207 -5.94 -23.37 9.67
CA THR B 207 -6.15 -24.54 10.55
C THR B 207 -6.61 -25.83 9.85
N TRP B 208 -7.52 -25.70 8.88
CA TRP B 208 -8.03 -26.86 8.13
C TRP B 208 -7.15 -27.22 6.92
N SER B 209 -6.20 -26.33 6.61
CA SER B 209 -5.37 -26.43 5.41
C SER B 209 -4.00 -25.75 5.66
N SER B 210 -3.13 -26.44 6.40
CA SER B 210 -1.78 -25.93 6.68
C SER B 210 -0.91 -26.04 5.44
N ILE B 211 0.12 -25.20 5.33
CA ILE B 211 0.99 -25.26 4.15
C ILE B 211 1.73 -26.61 4.08
N GLU B 212 2.05 -27.16 5.25
CA GLU B 212 2.69 -28.47 5.34
C GLU B 212 1.84 -29.61 4.79
N GLU B 213 0.56 -29.63 5.16
CA GLU B 213 -0.42 -30.67 4.75
C GLU B 213 -0.78 -30.55 3.25
N ARG B 214 -1.08 -29.34 2.82
CA ARG B 214 -1.44 -29.10 1.43
C ARG B 214 -0.28 -29.44 0.52
N ALA B 215 0.92 -28.96 0.86
CA ALA B 215 2.07 -29.11 -0.03
C ALA B 215 2.47 -30.60 -0.20
N ALA B 216 2.41 -31.37 0.87
CA ALA B 216 2.68 -32.81 0.75
C ALA B 216 1.79 -33.52 -0.29
N HIS B 217 0.47 -33.32 -0.18
CA HIS B 217 -0.49 -33.95 -1.05
C HIS B 217 -0.42 -33.48 -2.49
N LEU B 218 -0.32 -32.17 -2.64
CA LEU B 218 -0.22 -31.58 -3.96
C LEU B 218 1.07 -31.91 -4.66
N GLY B 219 2.16 -31.96 -3.92
CA GLY B 219 3.46 -32.35 -4.47
C GLY B 219 3.48 -33.78 -5.00
N LYS B 220 2.76 -34.68 -4.33
CA LYS B 220 2.65 -36.06 -4.74
C LYS B 220 1.80 -36.21 -6.01
N ALA B 221 0.71 -35.47 -6.07
CA ALA B 221 -0.18 -35.45 -7.23
C ALA B 221 0.57 -34.82 -8.42
N ARG B 222 1.40 -33.81 -8.15
CA ARG B 222 2.15 -33.16 -9.21
C ARG B 222 3.17 -34.12 -9.85
N ARG B 223 3.93 -34.85 -9.03
CA ARG B 223 4.94 -35.72 -9.58
C ARG B 223 4.35 -36.94 -10.28
N LYS B 224 3.20 -37.43 -9.77
CA LYS B 224 2.40 -38.47 -10.42
C LYS B 224 1.93 -38.01 -11.81
N ALA B 225 1.40 -36.80 -11.90
CA ALA B 225 0.90 -36.24 -13.16
C ALA B 225 2.01 -36.04 -14.18
N GLU B 226 3.18 -35.61 -13.73
CA GLU B 226 4.40 -35.54 -14.57
C GLU B 226 4.78 -36.92 -15.14
N ALA B 227 4.71 -37.97 -14.32
CA ALA B 227 4.93 -39.34 -14.78
C ALA B 227 3.81 -39.90 -15.69
N GLU B 228 2.55 -39.62 -15.38
CA GLU B 228 1.47 -40.04 -16.26
C GLU B 228 1.40 -39.31 -17.61
N THR B 229 1.76 -38.01 -17.66
CA THR B 229 1.75 -37.23 -18.91
C THR B 229 3.11 -37.11 -19.63
N GLY B 230 4.20 -37.45 -18.96
CA GLY B 230 5.53 -37.20 -19.50
C GLY B 230 5.97 -35.74 -19.61
N GLU B 231 5.28 -34.81 -18.94
CA GLU B 231 5.49 -33.38 -19.12
C GLU B 231 5.59 -32.71 -17.74
N PRO B 232 6.50 -31.74 -17.59
CA PRO B 232 6.57 -31.03 -16.29
C PRO B 232 5.28 -30.32 -15.92
N LYS B 233 5.00 -30.26 -14.61
CA LYS B 233 3.83 -29.55 -14.10
C LYS B 233 4.23 -28.67 -12.92
N ILE B 234 3.48 -27.59 -12.71
CA ILE B 234 3.78 -26.73 -11.57
C ILE B 234 2.62 -26.75 -10.56
N TYR B 235 2.98 -26.97 -9.30
CA TYR B 235 2.14 -26.65 -8.16
C TYR B 235 2.61 -25.29 -7.57
N LEU B 236 1.73 -24.29 -7.70
CA LEU B 236 1.85 -22.93 -7.23
C LEU B 236 1.19 -22.67 -5.86
N ALA B 237 2.00 -22.64 -4.80
CA ALA B 237 1.53 -22.60 -3.42
C ALA B 237 1.56 -21.16 -2.93
N ASN B 238 0.46 -20.73 -2.32
CA ASN B 238 0.34 -19.38 -1.78
C ASN B 238 0.96 -19.35 -0.41
N ILE B 239 2.03 -18.58 -0.28
CA ILE B 239 2.71 -18.47 1.00
C ILE B 239 2.58 -17.10 1.67
N THR B 240 1.71 -16.24 1.16
CA THR B 240 1.36 -14.99 1.83
C THR B 240 1.25 -15.16 3.34
N ASP B 241 2.02 -14.37 4.07
CA ASP B 241 2.14 -14.49 5.53
C ASP B 241 2.88 -13.26 6.03
N GLU B 242 3.04 -13.13 7.35
CA GLU B 242 3.93 -12.13 7.95
C GLU B 242 5.33 -12.21 7.36
N VAL B 243 5.95 -11.05 7.14
CA VAL B 243 7.27 -10.96 6.52
C VAL B 243 8.31 -11.90 7.16
N ASP B 244 8.29 -11.97 8.49
CA ASP B 244 9.25 -12.79 9.22
C ASP B 244 9.01 -14.29 9.08
N SER B 245 7.91 -14.68 8.43
CA SER B 245 7.59 -16.10 8.22
C SER B 245 7.83 -16.59 6.80
N LEU B 246 8.11 -15.68 5.87
CA LEU B 246 8.12 -16.03 4.44
C LEU B 246 9.20 -17.04 4.04
N MET B 247 10.41 -16.87 4.56
CA MET B 247 11.48 -17.83 4.26
C MET B 247 11.17 -19.26 4.72
N GLU B 248 10.66 -19.39 5.95
CA GLU B 248 10.24 -20.66 6.48
C GLU B 248 9.09 -21.28 5.67
N LYS B 249 8.13 -20.47 5.21
CA LYS B 249 7.06 -20.93 4.33
C LYS B 249 7.56 -21.42 2.98
N HIS B 250 8.50 -20.69 2.39
CA HIS B 250 9.19 -21.10 1.17
C HIS B 250 9.79 -22.48 1.40
N ASP B 251 10.53 -22.64 2.49
CA ASP B 251 11.23 -23.90 2.75
C ASP B 251 10.31 -25.08 2.98
N VAL B 252 9.21 -24.87 3.68
CA VAL B 252 8.21 -25.94 3.86
C VAL B 252 7.56 -26.30 2.53
N ALA B 253 7.18 -25.27 1.77
CA ALA B 253 6.43 -25.53 0.56
C ALA B 253 7.33 -26.25 -0.48
N VAL B 254 8.54 -25.72 -0.68
CA VAL B 254 9.46 -26.34 -1.63
C VAL B 254 9.87 -27.76 -1.26
N ARG B 255 10.21 -27.99 0.00
CA ARG B 255 10.55 -29.33 0.51
C ARG B 255 9.44 -30.33 0.17
N ASN B 256 8.19 -29.85 0.15
CA ASN B 256 7.07 -30.76 -0.12
C ASN B 256 6.62 -30.87 -1.59
N GLY B 257 7.19 -30.09 -2.51
CA GLY B 257 6.86 -30.28 -3.92
C GLY B 257 6.20 -29.10 -4.63
N ALA B 258 5.91 -28.01 -3.92
CA ALA B 258 5.62 -26.77 -4.61
C ALA B 258 6.85 -26.37 -5.39
N ASN B 259 6.72 -26.14 -6.68
CA ASN B 259 7.87 -25.69 -7.50
C ASN B 259 7.67 -24.27 -8.06
N ALA B 260 6.68 -23.57 -7.49
CA ALA B 260 6.48 -22.13 -7.69
C ALA B 260 5.71 -21.59 -6.47
N LEU B 261 5.91 -20.32 -6.12
CA LEU B 261 5.30 -19.75 -4.92
C LEU B 261 4.49 -18.51 -5.33
N LEU B 262 3.32 -18.37 -4.74
CA LEU B 262 2.46 -17.21 -4.95
C LEU B 262 2.50 -16.31 -3.72
N ILE B 263 2.67 -15.00 -3.97
CA ILE B 263 2.67 -13.96 -2.94
C ILE B 263 1.70 -12.80 -3.26
N ASN B 264 0.94 -12.30 -2.29
CA ASN B 264 0.15 -11.09 -2.54
C ASN B 264 1.05 -9.89 -2.29
N ALA B 265 1.50 -9.31 -3.40
CA ALA B 265 2.62 -8.38 -3.41
C ALA B 265 2.39 -7.18 -2.52
N LEU B 266 1.26 -6.47 -2.68
CA LEU B 266 1.05 -5.27 -1.89
C LEU B 266 0.76 -5.54 -0.41
N PRO B 267 -0.15 -6.50 -0.11
CA PRO B 267 -0.31 -6.84 1.32
C PRO B 267 0.99 -7.23 2.05
N VAL B 268 1.90 -7.97 1.42
CA VAL B 268 3.18 -8.26 2.13
C VAL B 268 4.14 -7.05 1.99
N GLY B 269 3.98 -6.25 0.94
CA GLY B 269 4.87 -5.12 0.66
C GLY B 269 5.94 -5.48 -0.36
N LEU B 270 6.25 -4.55 -1.24
CA LEU B 270 7.21 -4.78 -2.34
C LEU B 270 8.66 -5.06 -1.86
N SER B 271 9.06 -4.44 -0.77
CA SER B 271 10.35 -4.74 -0.12
C SER B 271 10.49 -6.16 0.38
N ALA B 272 9.43 -6.69 1.00
CA ALA B 272 9.37 -8.09 1.37
C ALA B 272 9.45 -9.01 0.15
N VAL B 273 8.77 -8.70 -0.94
CA VAL B 273 8.89 -9.46 -2.20
C VAL B 273 10.35 -9.54 -2.69
N ARG B 274 11.04 -8.40 -2.64
CA ARG B 274 12.46 -8.33 -3.01
C ARG B 274 13.33 -9.24 -2.15
N MET B 275 13.08 -9.26 -0.86
CA MET B 275 13.84 -10.17 0.04
C MET B 275 13.55 -11.68 -0.25
N LEU B 276 12.28 -12.03 -0.47
CA LEU B 276 11.93 -13.40 -0.81
C LEU B 276 12.52 -13.77 -2.19
N SER B 277 12.45 -12.86 -3.15
CA SER B 277 13.08 -13.08 -4.44
C SER B 277 14.58 -13.39 -4.41
N ASN B 278 15.33 -12.72 -3.55
CA ASN B 278 16.73 -12.98 -3.35
C ASN B 278 16.97 -14.35 -2.70
N TYR B 279 16.01 -14.84 -1.94
CA TYR B 279 16.12 -16.10 -1.23
C TYR B 279 15.68 -17.30 -2.05
N THR B 280 14.72 -17.09 -2.93
CA THR B 280 13.89 -18.19 -3.41
C THR B 280 14.66 -19.17 -4.30
N GLN B 281 14.35 -20.46 -4.15
CA GLN B 281 14.86 -21.48 -5.05
C GLN B 281 13.89 -21.74 -6.19
N VAL B 282 12.74 -21.08 -6.20
CA VAL B 282 11.71 -21.37 -7.21
C VAL B 282 11.08 -20.05 -7.70
N PRO B 283 10.43 -20.07 -8.85
CA PRO B 283 9.71 -18.87 -9.34
C PRO B 283 8.71 -18.30 -8.35
N LEU B 284 8.57 -16.96 -8.33
CA LEU B 284 7.60 -16.28 -7.47
C LEU B 284 6.60 -15.56 -8.35
N ILE B 285 5.32 -15.72 -8.04
CA ILE B 285 4.30 -15.08 -8.86
C ILE B 285 3.50 -14.14 -7.96
N GLY B 286 3.13 -12.96 -8.45
CA GLY B 286 2.49 -11.96 -7.57
C GLY B 286 1.04 -11.88 -7.94
N HIS B 287 0.19 -11.79 -6.95
CA HIS B 287 -1.21 -11.55 -7.17
C HIS B 287 -1.50 -10.09 -6.81
N PHE B 288 -2.63 -9.58 -7.31
CA PHE B 288 -3.03 -8.16 -7.22
C PHE B 288 -3.95 -7.57 -6.11
N PRO B 289 -4.25 -8.29 -5.02
CA PRO B 289 -5.12 -7.63 -4.00
C PRO B 289 -4.58 -6.28 -3.52
N PHE B 290 -5.48 -5.39 -3.14
CA PHE B 290 -5.15 -4.06 -2.58
C PHE B 290 -4.92 -2.95 -3.63
N ILE B 291 -4.35 -3.28 -4.79
CA ILE B 291 -3.90 -2.31 -5.79
C ILE B 291 -5.08 -1.44 -6.26
N ALA B 292 -6.27 -2.00 -6.37
CA ALA B 292 -7.46 -1.23 -6.83
C ALA B 292 -7.79 -0.07 -5.91
N SER B 293 -7.40 -0.16 -4.65
CA SER B 293 -7.78 0.88 -3.67
C SER B 293 -7.17 2.23 -4.07
N PHE B 294 -6.02 2.20 -4.76
CA PHE B 294 -5.32 3.43 -5.14
C PHE B 294 -5.19 3.62 -6.67
N SER B 295 -5.64 2.65 -7.47
CA SER B 295 -5.47 2.76 -8.93
C SER B 295 -6.75 2.86 -9.75
N ARG B 296 -7.91 2.74 -9.11
CA ARG B 296 -9.18 2.76 -9.83
C ARG B 296 -9.61 4.16 -10.35
N MET B 297 -9.38 5.22 -9.60
CA MET B 297 -9.82 6.57 -10.03
C MET B 297 -9.05 6.97 -11.27
N GLU B 298 -9.73 7.50 -12.29
CA GLU B 298 -9.03 7.73 -13.56
C GLU B 298 -8.02 8.88 -13.40
N LYS B 299 -8.23 9.74 -12.40
CA LYS B 299 -7.43 10.96 -12.22
C LYS B 299 -6.82 11.15 -10.82
N TYR B 300 -6.87 10.12 -9.99
CA TYR B 300 -6.26 10.21 -8.67
C TYR B 300 -5.54 8.93 -8.28
N GLY B 301 -4.36 9.03 -7.66
CA GLY B 301 -3.69 7.87 -7.04
C GLY B 301 -2.39 7.42 -7.71
N ILE B 302 -2.31 6.14 -8.09
CA ILE B 302 -1.17 5.57 -8.81
C ILE B 302 -1.66 4.67 -9.92
N HIS B 303 -1.17 4.87 -11.15
CA HIS B 303 -1.50 3.97 -12.25
C HIS B 303 -1.08 2.54 -11.94
N SER B 304 -1.95 1.57 -12.21
CA SER B 304 -1.67 0.17 -11.91
C SER B 304 -0.43 -0.30 -12.66
N LYS B 305 -0.10 0.30 -13.80
CA LYS B 305 1.12 -0.12 -14.47
C LYS B 305 2.42 0.20 -13.73
N VAL B 306 2.40 1.25 -12.89
CA VAL B 306 3.54 1.53 -12.01
C VAL B 306 3.76 0.38 -11.05
N MET B 307 2.68 -0.16 -10.51
CA MET B 307 2.80 -1.27 -9.56
C MET B 307 3.30 -2.54 -10.26
N THR B 308 2.83 -2.77 -11.49
CA THR B 308 3.29 -3.94 -12.27
C THR B 308 4.79 -3.82 -12.50
N LYS B 309 5.23 -2.64 -12.92
CA LYS B 309 6.66 -2.38 -13.07
C LYS B 309 7.49 -2.54 -11.80
N LEU B 310 6.98 -2.01 -10.69
CA LEU B 310 7.58 -2.29 -9.38
C LEU B 310 7.65 -3.74 -8.92
N GLN B 311 6.59 -4.54 -9.13
CA GLN B 311 6.64 -5.96 -8.83
C GLN B 311 7.70 -6.66 -9.67
N ARG B 312 7.76 -6.31 -10.95
CA ARG B 312 8.86 -6.87 -11.77
C ARG B 312 10.24 -6.46 -11.20
N LEU B 313 10.44 -5.16 -10.93
CA LEU B 313 11.72 -4.72 -10.34
C LEU B 313 12.07 -5.49 -9.06
N ALA B 314 11.07 -5.68 -8.20
CA ALA B 314 11.22 -6.40 -6.93
C ALA B 314 11.56 -7.89 -7.11
N GLY B 315 11.22 -8.43 -8.27
CA GLY B 315 11.66 -9.78 -8.62
C GLY B 315 10.61 -10.86 -8.80
N LEU B 316 9.36 -10.49 -9.08
CA LEU B 316 8.33 -11.47 -9.42
C LEU B 316 8.53 -11.91 -10.86
N ASP B 317 8.40 -13.22 -11.04
CA ASP B 317 8.69 -13.92 -12.30
C ASP B 317 7.44 -13.90 -13.18
N ALA B 318 6.29 -13.69 -12.53
CA ALA B 318 4.98 -13.51 -13.17
C ALA B 318 4.05 -12.61 -12.37
N VAL B 319 3.21 -11.85 -13.05
CA VAL B 319 2.30 -10.94 -12.36
C VAL B 319 0.89 -11.24 -12.82
N ILE B 320 0.10 -11.78 -11.90
CA ILE B 320 -1.31 -11.94 -12.17
C ILE B 320 -1.95 -10.56 -12.05
N MET B 321 -2.89 -10.24 -12.95
CA MET B 321 -3.47 -8.90 -13.04
C MET B 321 -4.88 -8.98 -13.61
N PRO B 322 -5.70 -7.91 -13.44
CA PRO B 322 -6.97 -7.91 -14.19
C PRO B 322 -6.77 -8.07 -15.70
N GLY B 323 -7.69 -8.77 -16.35
CA GLY B 323 -7.55 -8.99 -17.77
C GLY B 323 -8.61 -8.36 -18.65
N PHE B 324 -8.85 -9.01 -19.78
CA PHE B 324 -9.87 -8.57 -20.74
C PHE B 324 -11.25 -9.15 -20.48
N GLY B 325 -12.27 -8.45 -20.97
CA GLY B 325 -13.67 -8.86 -20.80
C GLY B 325 -14.54 -7.73 -20.29
N ASP B 326 -15.78 -7.65 -20.77
CA ASP B 326 -16.58 -6.47 -20.42
C ASP B 326 -16.94 -6.43 -18.94
N ARG B 327 -16.90 -7.59 -18.29
CA ARG B 327 -17.15 -7.60 -16.84
C ARG B 327 -15.93 -7.32 -15.94
N VAL B 328 -14.75 -7.11 -16.54
CA VAL B 328 -13.55 -6.74 -15.76
C VAL B 328 -13.57 -5.22 -15.57
N MET B 329 -13.28 -4.77 -14.35
CA MET B 329 -13.47 -3.36 -14.01
C MET B 329 -12.22 -2.49 -14.17
N THR B 330 -11.40 -2.85 -15.16
CA THR B 330 -10.23 -2.10 -15.58
C THR B 330 -10.34 -1.93 -17.09
N PRO B 331 -10.17 -0.69 -17.61
CA PRO B 331 -10.21 -0.49 -19.08
C PRO B 331 -9.21 -1.36 -19.84
N GLU B 332 -9.59 -1.79 -21.03
CA GLU B 332 -8.75 -2.66 -21.87
C GLU B 332 -7.35 -2.06 -22.16
N GLU B 333 -7.31 -0.76 -22.48
CA GLU B 333 -6.07 -0.03 -22.72
C GLU B 333 -5.13 -0.11 -21.54
N GLU B 334 -5.70 0.00 -20.34
CA GLU B 334 -4.91 -0.13 -19.14
C GLU B 334 -4.35 -1.55 -18.95
N VAL B 335 -5.15 -2.59 -19.16
CA VAL B 335 -4.61 -3.96 -19.15
C VAL B 335 -3.40 -4.11 -20.11
N LEU B 336 -3.53 -3.57 -21.31
CA LEU B 336 -2.47 -3.77 -22.32
C LEU B 336 -1.17 -3.07 -21.93
N GLU B 337 -1.29 -1.92 -21.26
CA GLU B 337 -0.10 -1.24 -20.77
C GLU B 337 0.57 -2.03 -19.68
N ASN B 338 -0.21 -2.73 -18.85
CA ASN B 338 0.37 -3.56 -17.78
C ASN B 338 1.13 -4.73 -18.38
N VAL B 339 0.53 -5.40 -19.36
CA VAL B 339 1.15 -6.47 -20.14
C VAL B 339 2.55 -6.09 -20.67
N ILE B 340 2.63 -4.95 -21.36
CA ILE B 340 3.89 -4.37 -21.85
C ILE B 340 4.95 -4.09 -20.78
N GLU B 341 4.55 -3.59 -19.59
CA GLU B 341 5.50 -3.36 -18.50
C GLU B 341 6.21 -4.64 -18.04
N CYS B 342 5.52 -5.77 -18.10
CA CYS B 342 6.10 -7.07 -17.78
C CYS B 342 7.14 -7.46 -18.83
N THR B 343 6.89 -7.19 -20.11
CA THR B 343 7.69 -7.81 -21.15
C THR B 343 8.76 -6.89 -21.77
N LYS B 344 8.57 -5.58 -21.66
CA LYS B 344 9.47 -4.65 -22.33
C LYS B 344 10.90 -4.63 -21.73
N PRO B 345 11.91 -4.24 -22.54
CA PRO B 345 13.29 -4.08 -22.06
C PRO B 345 13.34 -3.11 -20.89
N MET B 346 14.13 -3.46 -19.87
CA MET B 346 14.29 -2.65 -18.64
C MET B 346 15.69 -2.90 -18.14
N GLY B 347 16.71 -2.27 -18.73
CA GLY B 347 18.11 -2.58 -18.40
C GLY B 347 18.36 -4.08 -18.49
N ARG B 348 18.99 -4.68 -17.49
N ARG B 348 19.00 -4.64 -17.45
CA ARG B 348 19.18 -6.13 -17.55
CA ARG B 348 19.28 -6.08 -17.33
C ARG B 348 18.07 -6.90 -16.80
C ARG B 348 18.18 -6.84 -16.57
N ILE B 349 17.06 -6.19 -16.31
CA ILE B 349 15.96 -6.85 -15.55
C ILE B 349 15.17 -7.82 -16.44
N LYS B 350 15.11 -9.10 -16.07
CA LYS B 350 14.33 -10.09 -16.84
C LYS B 350 12.87 -9.69 -17.03
N PRO B 351 12.31 -10.04 -18.19
CA PRO B 351 10.88 -9.88 -18.31
C PRO B 351 10.17 -10.90 -17.46
N CYS B 352 9.04 -10.50 -16.93
CA CYS B 352 8.17 -11.43 -16.22
C CYS B 352 6.91 -11.73 -17.02
N LEU B 353 6.25 -12.83 -16.67
CA LEU B 353 5.09 -13.29 -17.40
C LEU B 353 3.85 -12.52 -16.97
N PRO B 354 3.20 -11.78 -17.91
CA PRO B 354 1.91 -11.14 -17.59
C PRO B 354 0.83 -12.21 -17.59
N VAL B 355 -0.01 -12.20 -16.57
CA VAL B 355 -1.07 -13.20 -16.46
C VAL B 355 -2.39 -12.45 -16.35
N PRO B 356 -2.93 -12.01 -17.48
CA PRO B 356 -4.17 -11.25 -17.39
C PRO B 356 -5.42 -12.13 -17.21
N GLY B 357 -5.99 -12.10 -16.01
CA GLY B 357 -7.12 -12.95 -15.62
C GLY B 357 -8.45 -12.22 -15.79
N GLY B 358 -9.20 -12.58 -16.82
CA GLY B 358 -10.50 -11.96 -17.07
C GLY B 358 -11.63 -12.96 -16.98
N SER B 359 -12.69 -12.69 -17.74
CA SER B 359 -13.80 -13.61 -17.84
C SER B 359 -13.47 -14.69 -18.87
N ASP B 360 -12.42 -15.46 -18.61
CA ASP B 360 -11.81 -16.31 -19.62
C ASP B 360 -12.29 -17.76 -19.63
N SER B 361 -12.29 -18.35 -20.83
CA SER B 361 -12.54 -19.77 -21.06
C SER B 361 -11.88 -20.18 -22.38
N ALA B 362 -11.94 -21.46 -22.73
CA ALA B 362 -11.57 -21.93 -24.07
C ALA B 362 -12.12 -21.03 -25.19
N LEU B 363 -13.31 -20.46 -24.99
CA LEU B 363 -13.97 -19.58 -25.97
C LEU B 363 -13.34 -18.16 -26.08
N THR B 364 -12.53 -17.74 -25.11
CA THR B 364 -11.96 -16.39 -25.15
C THR B 364 -10.46 -16.38 -25.42
N LEU B 365 -9.87 -17.56 -25.54
CA LEU B 365 -8.42 -17.67 -25.69
C LEU B 365 -7.90 -16.96 -26.95
N GLN B 366 -8.59 -17.14 -28.07
CA GLN B 366 -8.24 -16.47 -29.34
C GLN B 366 -8.18 -14.94 -29.25
N THR B 367 -9.17 -14.35 -28.56
CA THR B 367 -9.27 -12.89 -28.31
C THR B 367 -8.10 -12.34 -27.51
N VAL B 368 -7.71 -13.10 -26.48
CA VAL B 368 -6.64 -12.65 -25.64
C VAL B 368 -5.30 -12.72 -26.39
N TYR B 369 -5.03 -13.84 -27.07
CA TYR B 369 -3.87 -13.97 -27.94
C TYR B 369 -3.82 -12.83 -28.98
N GLU B 370 -4.94 -12.53 -29.63
CA GLU B 370 -5.01 -11.40 -30.54
C GLU B 370 -4.70 -10.02 -29.91
N LYS B 371 -5.17 -9.79 -28.69
CA LYS B 371 -4.96 -8.52 -27.99
C LYS B 371 -3.53 -8.37 -27.56
N VAL B 372 -2.96 -9.44 -27.04
CA VAL B 372 -1.56 -9.43 -26.63
C VAL B 372 -0.61 -9.33 -27.82
N GLY B 373 -0.89 -10.07 -28.89
CA GLY B 373 -0.03 -10.05 -30.06
C GLY B 373 1.17 -10.97 -30.09
N ASN B 374 1.24 -11.92 -29.15
CA ASN B 374 2.34 -12.88 -29.01
C ASN B 374 1.93 -13.94 -28.00
N VAL B 375 2.76 -14.96 -27.77
CA VAL B 375 2.31 -16.05 -26.89
C VAL B 375 2.85 -15.91 -25.48
N ASP B 376 3.45 -14.77 -25.14
CA ASP B 376 4.08 -14.64 -23.82
C ASP B 376 3.11 -14.11 -22.75
N PHE B 377 2.07 -14.88 -22.47
CA PHE B 377 1.16 -14.58 -21.40
C PHE B 377 0.74 -15.90 -20.73
N GLY B 378 0.28 -15.81 -19.48
CA GLY B 378 -0.49 -16.87 -18.84
C GLY B 378 -2.00 -16.64 -18.99
N PHE B 379 -2.75 -17.72 -19.16
CA PHE B 379 -4.19 -17.68 -19.36
C PHE B 379 -4.80 -18.41 -18.16
N VAL B 380 -5.75 -17.77 -17.48
CA VAL B 380 -6.49 -18.40 -16.38
C VAL B 380 -7.98 -18.47 -16.74
N PRO B 381 -8.43 -19.65 -17.18
CA PRO B 381 -9.86 -19.85 -17.38
C PRO B 381 -10.62 -19.68 -16.05
N GLY B 382 -11.45 -18.65 -15.98
CA GLY B 382 -12.29 -18.38 -14.81
C GLY B 382 -13.41 -19.39 -14.66
N ARG B 383 -13.90 -19.91 -15.78
CA ARG B 383 -14.94 -20.94 -15.78
C ARG B 383 -14.69 -21.92 -16.93
N GLY B 384 -15.34 -23.08 -16.85
CA GLY B 384 -15.27 -24.08 -17.90
C GLY B 384 -14.10 -25.06 -17.89
N VAL B 385 -13.20 -24.95 -16.92
CA VAL B 385 -12.22 -26.01 -16.68
C VAL B 385 -12.72 -26.90 -15.54
N PHE B 386 -12.80 -26.33 -14.35
CA PHE B 386 -13.25 -27.06 -13.17
C PHE B 386 -14.77 -27.16 -13.19
N GLY B 387 -15.41 -26.20 -13.86
CA GLY B 387 -16.86 -26.18 -14.06
C GLY B 387 -17.33 -26.90 -15.32
N HIS B 388 -16.40 -27.34 -16.18
CA HIS B 388 -16.74 -28.16 -17.34
C HIS B 388 -17.64 -29.35 -16.97
N PRO B 389 -18.68 -29.63 -17.78
CA PRO B 389 -19.58 -30.76 -17.52
C PRO B 389 -18.97 -32.16 -17.50
N MET B 390 -17.81 -32.36 -18.13
CA MET B 390 -17.16 -33.67 -18.12
C MET B 390 -16.08 -33.79 -17.04
N GLY B 391 -15.96 -32.75 -16.20
CA GLY B 391 -14.96 -32.73 -15.13
C GLY B 391 -13.84 -31.70 -15.28
N PRO B 392 -12.92 -31.64 -14.30
CA PRO B 392 -11.67 -30.86 -14.40
C PRO B 392 -10.71 -31.30 -15.53
N LYS B 393 -10.55 -32.61 -15.73
CA LYS B 393 -9.69 -33.11 -16.81
C LYS B 393 -10.14 -32.65 -18.20
N ALA B 394 -11.42 -32.84 -18.50
CA ALA B 394 -11.99 -32.45 -19.79
C ALA B 394 -12.07 -30.93 -19.97
N GLY B 395 -12.09 -30.21 -18.85
CA GLY B 395 -12.06 -28.75 -18.87
C GLY B 395 -10.69 -28.28 -19.26
N ALA B 396 -9.66 -28.93 -18.70
CA ALA B 396 -8.30 -28.62 -19.11
C ALA B 396 -8.05 -28.98 -20.58
N LYS B 397 -8.59 -30.12 -21.02
CA LYS B 397 -8.50 -30.60 -22.41
C LYS B 397 -9.10 -29.63 -23.43
N SER B 398 -10.28 -29.09 -23.11
CA SER B 398 -10.93 -28.07 -23.94
C SER B 398 -10.03 -26.85 -24.16
N ILE B 399 -9.22 -26.50 -23.17
CA ILE B 399 -8.32 -25.33 -23.30
C ILE B 399 -7.21 -25.65 -24.31
N ARG B 400 -6.59 -26.82 -24.13
CA ARG B 400 -5.56 -27.28 -25.07
C ARG B 400 -6.08 -27.49 -26.49
N GLN B 401 -7.32 -27.98 -26.63
CA GLN B 401 -7.97 -28.10 -27.94
C GLN B 401 -8.21 -26.75 -28.62
N ALA B 402 -8.64 -25.76 -27.85
CA ALA B 402 -8.82 -24.40 -28.35
C ALA B 402 -7.49 -23.81 -28.81
N TRP B 403 -6.42 -24.01 -28.04
CA TRP B 403 -5.10 -23.54 -28.43
C TRP B 403 -4.66 -24.16 -29.77
N GLU B 404 -4.86 -25.46 -29.94
CA GLU B 404 -4.54 -26.15 -31.19
C GLU B 404 -5.37 -25.69 -32.39
N ALA B 405 -6.66 -25.43 -32.21
CA ALA B 405 -7.43 -24.75 -33.24
C ALA B 405 -6.76 -23.42 -33.66
N ILE B 406 -6.36 -22.60 -32.69
CA ILE B 406 -5.68 -21.33 -32.98
C ILE B 406 -4.34 -21.49 -33.77
N GLU B 407 -3.51 -22.45 -33.37
CA GLU B 407 -2.29 -22.79 -34.12
C GLU B 407 -2.50 -23.22 -35.57
N GLN B 408 -3.64 -23.85 -35.86
CA GLN B 408 -4.00 -24.29 -37.20
C GLN B 408 -4.73 -23.21 -38.00
N GLY B 409 -4.99 -22.05 -37.39
CA GLY B 409 -5.88 -21.05 -37.97
C GLY B 409 -7.28 -21.58 -38.30
N ILE B 410 -7.77 -22.51 -37.50
CA ILE B 410 -9.12 -23.03 -37.60
C ILE B 410 -9.98 -22.37 -36.53
N SER B 411 -11.26 -22.16 -36.83
CA SER B 411 -12.17 -21.59 -35.82
C SER B 411 -12.41 -22.62 -34.71
N ILE B 412 -12.65 -22.11 -33.52
CA ILE B 412 -13.03 -22.91 -32.35
C ILE B 412 -14.20 -23.85 -32.69
N GLU B 413 -15.20 -23.33 -33.40
CA GLU B 413 -16.39 -24.09 -33.76
C GLU B 413 -16.13 -25.24 -34.75
N THR B 414 -15.27 -25.01 -35.73
CA THR B 414 -14.87 -26.05 -36.67
C THR B 414 -14.07 -27.12 -35.94
N TRP B 415 -13.10 -26.71 -35.13
CA TRP B 415 -12.30 -27.65 -34.36
C TRP B 415 -13.15 -28.53 -33.44
N ALA B 416 -14.05 -27.89 -32.70
CA ALA B 416 -15.00 -28.58 -31.83
C ALA B 416 -15.80 -29.72 -32.49
N GLU B 417 -16.18 -29.56 -33.75
CA GLU B 417 -16.84 -30.62 -34.53
C GLU B 417 -16.21 -32.02 -34.40
N THR B 418 -14.91 -32.10 -34.16
CA THR B 418 -14.19 -33.38 -33.99
C THR B 418 -13.52 -33.55 -32.62
N HIS B 419 -13.85 -32.69 -31.66
CA HIS B 419 -13.21 -32.72 -30.33
C HIS B 419 -14.26 -32.50 -29.25
N PRO B 420 -14.82 -33.59 -28.69
CA PRO B 420 -16.01 -33.48 -27.83
C PRO B 420 -15.92 -32.56 -26.61
N GLU B 421 -14.74 -32.48 -25.99
CA GLU B 421 -14.55 -31.64 -24.82
C GLU B 421 -14.74 -30.17 -25.15
N LEU B 422 -14.20 -29.74 -26.30
CA LEU B 422 -14.36 -28.37 -26.75
C LEU B 422 -15.82 -28.14 -27.18
N GLN B 423 -16.42 -29.15 -27.77
CA GLN B 423 -17.83 -29.09 -28.21
C GLN B 423 -18.81 -28.88 -27.03
N ALA B 424 -18.50 -29.47 -25.88
CA ALA B 424 -19.34 -29.32 -24.70
C ALA B 424 -19.27 -27.87 -24.23
N MET B 425 -18.10 -27.26 -24.38
CA MET B 425 -17.93 -25.86 -23.99
C MET B 425 -18.68 -24.91 -24.91
N VAL B 426 -18.64 -25.18 -26.20
CA VAL B 426 -19.40 -24.39 -27.18
C VAL B 426 -20.90 -24.55 -26.88
N ASP B 427 -21.30 -25.72 -26.40
CA ASP B 427 -22.71 -26.02 -26.11
C ASP B 427 -23.36 -25.09 -25.08
N GLN B 428 -22.63 -24.72 -24.03
CA GLN B 428 -23.09 -23.69 -23.09
C GLN B 428 -22.92 -22.27 -23.63
#